data_4MSO
#
_entry.id   4MSO
#
_cell.length_a   55.280
_cell.length_b   72.580
_cell.length_c   182.120
_cell.angle_alpha   90.000
_cell.angle_beta   90.000
_cell.angle_gamma   90.000
#
_symmetry.space_group_name_H-M   'P 21 21 21'
#
loop_
_entity.id
_entity.type
_entity.pdbx_description
1 polymer 'Serine hydroxymethyltransferase'
2 non-polymer 'PHOSPHATE ION'
3 non-polymer 1,2-ETHANEDIOL
4 water water
#
_entity_poly.entity_id   1
_entity_poly.type   'polypeptide(L)'
_entity_poly.pdbx_seq_one_letter_code
;MAHHHHHHMFDRAQSTIANVDPEIFAAIEQENRRQEDHIELIASENYTSPAVMAAQGSQLTNKYAEGYPGKRYYGGCEYV
DVVEQLAIDRVKQLFGAEAANVQPNSGSQANQGVFFAMLKPGDTIMGMSLAHGGHLTHGSPVNMSGKWFNVVSYGLNENE
DIDYDAAEKLANEHKPKLIVAGASAFALKIDFERLAKIAKSVGAYLMVDMAHYAGLIAAGVYPNPVPHADFVTTTTHKSL
RGPRGGVILMKAEYEKPINSAIFPGIQGGPLMHVIAAKAVAFKEALSPEFKEYQQKVVENARVLAETLVKRGLRIVSGRT
ESHVMLVDLRAKHITGKAAEAALGAAHITVNKNAIPNDPEKPFVTSGIRLGSPAMTTRGFGPAEAEQVGNLIADVLENPE
DAATIERVRAQVAELTKRFPVYR
;
_entity_poly.pdbx_strand_id   A,B
#
# COMPACT_ATOMS: atom_id res chain seq x y z
N PHE A 10 -5.24 19.68 5.37
CA PHE A 10 -5.80 20.71 6.30
C PHE A 10 -7.29 20.91 6.08
N ASP A 11 -7.81 21.95 6.71
CA ASP A 11 -9.25 22.16 6.82
C ASP A 11 -9.95 22.17 5.45
N ARG A 12 -9.46 22.96 4.50
CA ARG A 12 -10.17 23.11 3.22
C ARG A 12 -10.20 21.77 2.46
N ALA A 13 -9.07 21.07 2.47
CA ALA A 13 -8.97 19.79 1.77
C ALA A 13 -9.91 18.76 2.35
N GLN A 14 -9.95 18.65 3.67
CA GLN A 14 -10.85 17.70 4.33
C GLN A 14 -12.31 18.05 4.14
N SER A 15 -12.59 19.33 3.96
CA SER A 15 -13.95 19.78 3.73
C SER A 15 -14.54 19.12 2.50
N THR A 16 -13.69 18.66 1.57
CA THR A 16 -14.17 17.99 0.36
C THR A 16 -14.85 16.66 0.68
N ILE A 17 -14.60 16.12 1.85
CA ILE A 17 -15.20 14.85 2.27
C ILE A 17 -16.52 15.08 3.01
N ALA A 18 -16.64 16.25 3.66
CA ALA A 18 -17.69 16.50 4.64
C ALA A 18 -19.10 16.20 4.15
N ASN A 19 -19.39 16.59 2.92
CA ASN A 19 -20.76 16.47 2.43
C ASN A 19 -20.99 15.28 1.51
N VAL A 20 -19.92 14.70 0.96
CA VAL A 20 -20.06 13.49 0.16
C VAL A 20 -20.04 12.23 1.02
N ASP A 21 -19.31 12.26 2.14
CA ASP A 21 -19.20 11.09 3.00
C ASP A 21 -19.09 11.52 4.44
N PRO A 22 -20.24 11.90 5.00
CA PRO A 22 -20.22 12.35 6.39
C PRO A 22 -19.68 11.34 7.38
N GLU A 23 -19.90 10.06 7.13
CA GLU A 23 -19.42 9.03 8.07
C GLU A 23 -17.89 8.98 8.09
N ILE A 24 -17.26 9.01 6.92
CA ILE A 24 -15.79 8.98 6.89
C ILE A 24 -15.25 10.31 7.41
N PHE A 25 -15.89 11.42 7.07
CA PHE A 25 -15.45 12.72 7.60
C PHE A 25 -15.46 12.68 9.12
N ALA A 26 -16.55 12.18 9.73
CA ALA A 26 -16.65 12.11 11.18
C ALA A 26 -15.54 11.23 11.76
N ALA A 27 -15.23 10.10 11.11
CA ALA A 27 -14.19 9.23 11.59
C ALA A 27 -12.83 9.92 11.55
N ILE A 28 -12.55 10.66 10.48
CA ILE A 28 -11.31 11.42 10.40
C ILE A 28 -11.24 12.47 11.49
N GLU A 29 -12.32 13.22 11.68
CA GLU A 29 -12.34 14.26 12.71
C GLU A 29 -12.11 13.66 14.11
N GLN A 30 -12.75 12.52 14.39
CA GLN A 30 -12.56 11.81 15.66
C GLN A 30 -11.10 11.44 15.86
N GLU A 31 -10.45 10.93 14.81
CA GLU A 31 -9.04 10.57 14.89
C GLU A 31 -8.14 11.79 15.05
N ASN A 32 -8.47 12.89 14.37
CA ASN A 32 -7.69 14.13 14.57
C ASN A 32 -7.76 14.54 16.05
N ARG A 33 -8.96 14.48 16.62
CA ARG A 33 -9.15 14.86 18.01
C ARG A 33 -8.36 13.94 18.94
N ARG A 34 -8.39 12.65 18.66
CA ARG A 34 -7.68 11.68 19.50
CA ARG A 34 -7.68 11.63 19.46
C ARG A 34 -6.18 11.95 19.48
N GLN A 35 -5.63 12.22 18.31
CA GLN A 35 -4.21 12.55 18.20
C GLN A 35 -3.86 13.82 18.97
N GLU A 36 -4.73 14.82 18.91
CA GLU A 36 -4.44 16.05 19.62
C GLU A 36 -4.55 15.88 21.12
N ASP A 37 -5.61 15.18 21.55
CA ASP A 37 -6.04 15.20 22.95
C ASP A 37 -5.40 14.14 23.84
N HIS A 38 -4.67 13.21 23.25
CA HIS A 38 -3.99 12.18 24.02
CA HIS A 38 -4.00 12.17 24.02
C HIS A 38 -2.50 12.38 23.99
N ILE A 39 -1.84 12.10 25.11
CA ILE A 39 -0.39 11.98 25.09
C ILE A 39 -0.06 10.54 24.70
N GLU A 40 0.46 10.42 23.49
CA GLU A 40 0.81 9.15 22.89
C GLU A 40 2.20 8.71 23.33
N LEU A 41 2.30 7.62 24.09
CA LEU A 41 3.58 7.08 24.56
C LEU A 41 3.87 5.70 24.02
N ILE A 42 3.08 5.22 23.06
CA ILE A 42 3.40 3.95 22.44
C ILE A 42 4.64 4.19 21.57
N ALA A 43 5.68 3.37 21.76
CA ALA A 43 7.01 3.72 21.24
C ALA A 43 7.15 3.69 19.72
N SER A 44 6.26 2.97 19.07
CA SER A 44 6.25 2.84 17.63
C SER A 44 5.45 3.95 16.97
N GLU A 45 4.81 4.79 17.76
CA GLU A 45 3.90 5.76 17.19
C GLU A 45 4.58 7.10 16.98
N ASN A 46 4.05 7.88 16.03
CA ASN A 46 4.60 9.17 15.75
C ASN A 46 3.58 9.97 14.98
N TYR A 47 3.95 11.19 14.61
CA TYR A 47 3.11 12.09 13.84
C TYR A 47 3.90 12.56 12.64
N THR A 48 3.49 12.18 11.44
CA THR A 48 4.25 12.56 10.26
C THR A 48 3.90 14.00 9.84
N SER A 49 4.73 14.58 8.99
CA SER A 49 4.59 16.01 8.73
C SER A 49 3.43 16.32 7.76
N PRO A 50 2.96 17.57 7.80
CA PRO A 50 1.97 18.01 6.80
C PRO A 50 2.46 17.76 5.36
N ALA A 51 3.73 18.00 5.08
CA ALA A 51 4.25 17.77 3.76
C ALA A 51 4.13 16.31 3.34
N VAL A 52 4.46 15.40 4.23
CA VAL A 52 4.31 13.98 3.94
C VAL A 52 2.86 13.63 3.60
N MET A 53 1.94 14.11 4.43
CA MET A 53 0.53 13.83 4.20
C MET A 53 0.07 14.42 2.89
N ALA A 54 0.49 15.65 2.58
CA ALA A 54 0.07 16.31 1.36
C ALA A 54 0.56 15.54 0.13
N ALA A 55 1.76 14.97 0.21
CA ALA A 55 2.28 14.19 -0.91
C ALA A 55 1.42 12.98 -1.15
N GLN A 56 1.06 12.26 -0.10
CA GLN A 56 0.26 11.06 -0.34
C GLN A 56 -1.23 11.36 -0.58
N GLY A 57 -1.64 12.60 -0.31
CA GLY A 57 -2.95 13.15 -0.72
C GLY A 57 -2.97 13.79 -2.09
N SER A 58 -1.91 13.65 -2.86
CA SER A 58 -1.79 14.31 -4.14
C SER A 58 -2.36 13.50 -5.32
N GLN A 59 -2.36 14.15 -6.47
CA GLN A 59 -2.82 13.55 -7.73
C GLN A 59 -1.92 12.41 -8.21
N LEU A 60 -0.77 12.18 -7.58
CA LEU A 60 0.05 11.01 -7.94
C LEU A 60 -0.68 9.69 -7.80
N THR A 61 -1.77 9.64 -7.05
CA THR A 61 -2.58 8.44 -7.01
C THR A 61 -3.10 8.05 -8.39
N ASN A 62 -3.28 9.01 -9.29
CA ASN A 62 -3.78 8.75 -10.63
C ASN A 62 -2.70 8.20 -11.56
N LYS A 63 -1.44 8.22 -11.14
CA LYS A 63 -0.34 7.83 -12.02
C LYS A 63 -0.03 6.31 -11.93
N TYR A 64 -0.01 5.64 -13.06
CA TYR A 64 0.44 4.24 -13.14
C TYR A 64 1.89 4.23 -13.54
N TYR A 79 13.54 4.52 -17.15
CA TYR A 79 12.16 4.19 -16.81
C TYR A 79 11.96 4.03 -15.29
N VAL A 80 12.62 4.89 -14.52
CA VAL A 80 12.24 5.07 -13.12
C VAL A 80 11.71 6.50 -12.98
N ASP A 81 10.51 6.62 -12.43
CA ASP A 81 9.86 7.90 -12.19
C ASP A 81 10.80 8.77 -11.32
N VAL A 82 10.85 10.07 -11.61
CA VAL A 82 11.67 11.00 -10.83
C VAL A 82 11.38 10.91 -9.30
N VAL A 83 10.12 10.77 -8.94
CA VAL A 83 9.70 10.66 -7.56
C VAL A 83 10.32 9.43 -6.92
N GLU A 84 10.33 8.31 -7.62
CA GLU A 84 10.87 7.09 -7.08
C GLU A 84 12.40 7.17 -7.01
N GLN A 85 13.03 7.73 -8.03
CA GLN A 85 14.49 7.91 -7.99
C GLN A 85 14.93 8.79 -6.84
N LEU A 86 14.18 9.86 -6.56
CA LEU A 86 14.48 10.70 -5.40
C LEU A 86 14.36 9.89 -4.11
N ALA A 87 13.30 9.11 -3.98
CA ALA A 87 13.14 8.30 -2.79
C ALA A 87 14.30 7.31 -2.60
N ILE A 88 14.65 6.59 -3.68
CA ILE A 88 15.75 5.63 -3.65
C ILE A 88 17.05 6.33 -3.29
N ASP A 89 17.37 7.43 -3.98
CA ASP A 89 18.66 8.10 -3.76
C ASP A 89 18.76 8.59 -2.33
N ARG A 90 17.69 9.17 -1.82
CA ARG A 90 17.73 9.72 -0.48
C ARG A 90 17.84 8.66 0.61
N VAL A 91 17.13 7.54 0.46
CA VAL A 91 17.23 6.52 1.47
C VAL A 91 18.60 5.82 1.44
N LYS A 92 19.18 5.69 0.24
CA LYS A 92 20.55 5.18 0.13
C LYS A 92 21.52 6.09 0.88
N GLN A 93 21.36 7.40 0.68
CA GLN A 93 22.20 8.37 1.32
C GLN A 93 22.04 8.31 2.84
N LEU A 94 20.80 8.18 3.28
CA LEU A 94 20.50 8.21 4.69
CA LEU A 94 20.46 8.17 4.71
C LEU A 94 21.19 7.08 5.46
N PHE A 95 21.24 5.90 4.83
CA PHE A 95 21.78 4.73 5.50
C PHE A 95 23.07 4.18 4.92
N GLY A 96 23.62 4.82 3.90
CA GLY A 96 24.83 4.30 3.28
C GLY A 96 24.62 3.00 2.53
N ALA A 97 23.41 2.78 2.03
CA ALA A 97 23.08 1.52 1.36
C ALA A 97 23.51 1.56 -0.10
N GLU A 98 23.90 0.41 -0.63
CA GLU A 98 24.32 0.29 -2.02
C GLU A 98 23.15 0.33 -3.00
N ALA A 99 21.97 -0.06 -2.54
CA ALA A 99 20.78 -0.13 -3.38
C ALA A 99 19.54 -0.10 -2.50
N ALA A 100 18.41 0.21 -3.09
CA ALA A 100 17.17 0.28 -2.32
C ALA A 100 15.97 0.06 -3.23
N ASN A 101 14.94 -0.54 -2.66
CA ASN A 101 13.62 -0.66 -3.27
C ASN A 101 12.62 -0.05 -2.31
N VAL A 102 11.87 0.92 -2.82
CA VAL A 102 10.95 1.72 -1.99
C VAL A 102 9.49 1.41 -2.28
N GLN A 103 9.26 0.32 -3.01
CA GLN A 103 7.91 -0.08 -3.35
C GLN A 103 7.05 -0.76 -2.24
N PRO A 104 7.65 -1.47 -1.24
CA PRO A 104 6.80 -2.14 -0.25
C PRO A 104 5.85 -1.20 0.48
N ASN A 105 4.63 -1.66 0.74
CA ASN A 105 3.62 -0.80 1.34
C ASN A 105 3.54 -0.91 2.87
N SER A 106 4.44 -1.71 3.43
CA SER A 106 4.47 -1.97 4.88
CA SER A 106 4.46 -2.00 4.88
C SER A 106 5.81 -2.59 5.26
N GLY A 107 6.11 -2.58 6.56
CA GLY A 107 7.27 -3.32 7.07
C GLY A 107 7.18 -4.80 6.72
N SER A 108 5.99 -5.36 6.88
CA SER A 108 5.78 -6.77 6.57
C SER A 108 6.01 -7.07 5.12
N GLN A 109 5.49 -6.21 4.25
CA GLN A 109 5.66 -6.41 2.84
C GLN A 109 7.16 -6.32 2.51
N ALA A 110 7.92 -5.46 3.20
CA ALA A 110 9.35 -5.38 2.98
C ALA A 110 10.02 -6.70 3.38
N ASN A 111 9.72 -7.18 4.58
CA ASN A 111 10.31 -8.41 5.06
C ASN A 111 9.95 -9.60 4.17
N GLN A 112 8.67 -9.76 3.89
CA GLN A 112 8.23 -10.83 3.02
C GLN A 112 8.82 -10.71 1.64
N GLY A 113 8.98 -9.48 1.19
CA GLY A 113 9.55 -9.22 -0.12
C GLY A 113 10.96 -9.77 -0.27
N VAL A 114 11.75 -9.65 0.78
CA VAL A 114 13.09 -10.26 0.75
C VAL A 114 13.00 -11.80 0.60
N PHE A 115 12.12 -12.42 1.38
CA PHE A 115 11.96 -13.88 1.29
C PHE A 115 11.48 -14.28 -0.09
N PHE A 116 10.47 -13.57 -0.60
CA PHE A 116 9.90 -13.87 -1.91
C PHE A 116 10.93 -13.75 -3.03
N ALA A 117 11.76 -12.75 -2.95
CA ALA A 117 12.75 -12.52 -3.97
C ALA A 117 13.92 -13.51 -3.90
N MET A 118 14.40 -13.81 -2.69
CA MET A 118 15.70 -14.44 -2.53
C MET A 118 15.64 -15.94 -2.29
N LEU A 119 14.49 -16.46 -1.88
CA LEU A 119 14.37 -17.84 -1.42
C LEU A 119 13.36 -18.59 -2.25
N LYS A 120 13.38 -19.91 -2.10
CA LYS A 120 12.45 -20.82 -2.75
C LYS A 120 11.57 -21.44 -1.67
N PRO A 121 10.37 -21.94 -2.06
CA PRO A 121 9.57 -22.67 -1.08
C PRO A 121 10.35 -23.76 -0.35
N GLY A 122 10.21 -23.79 0.98
CA GLY A 122 10.82 -24.83 1.79
C GLY A 122 12.22 -24.52 2.25
N ASP A 123 12.79 -23.41 1.78
CA ASP A 123 14.11 -23.02 2.21
C ASP A 123 14.11 -22.72 3.71
N THR A 124 15.26 -22.89 4.34
CA THR A 124 15.36 -22.70 5.76
C THR A 124 15.73 -21.25 6.09
N ILE A 125 14.95 -20.67 6.99
CA ILE A 125 15.22 -19.34 7.52
C ILE A 125 15.47 -19.48 9.01
N MET A 126 16.58 -18.89 9.48
CA MET A 126 16.90 -18.88 10.90
C MET A 126 16.67 -17.48 11.47
N GLY A 127 15.73 -17.39 12.38
CA GLY A 127 15.44 -16.13 13.02
C GLY A 127 16.13 -16.04 14.35
N MET A 128 16.63 -14.85 14.66
CA MET A 128 17.15 -14.60 15.99
CA MET A 128 17.19 -14.54 15.98
C MET A 128 16.09 -13.79 16.73
N SER A 129 15.50 -14.42 17.72
CA SER A 129 14.34 -13.83 18.38
C SER A 129 14.36 -13.88 19.89
N LEU A 130 13.45 -13.13 20.47
CA LEU A 130 13.39 -12.87 21.89
C LEU A 130 12.52 -13.89 22.62
N GLY A 139 6.05 -13.87 16.09
CA GLY A 139 6.40 -12.85 15.09
C GLY A 139 7.77 -12.21 15.29
N SER A 140 8.60 -12.81 16.14
CA SER A 140 9.95 -12.31 16.38
C SER A 140 10.95 -13.15 15.60
N PRO A 141 11.89 -12.51 14.90
CA PRO A 141 12.10 -11.06 14.75
C PRO A 141 11.23 -10.45 13.65
N VAL A 142 10.76 -11.30 12.73
CA VAL A 142 9.74 -10.94 11.75
C VAL A 142 8.74 -12.09 11.69
N ASN A 143 7.57 -11.83 11.13
CA ASN A 143 6.63 -12.92 10.91
C ASN A 143 7.12 -13.81 9.78
N MET A 144 7.06 -15.11 10.01
CA MET A 144 7.53 -16.04 8.99
C MET A 144 6.56 -17.18 8.79
N SER A 145 6.32 -17.47 7.52
CA SER A 145 5.36 -18.49 7.14
C SER A 145 5.98 -19.90 7.19
N GLY A 146 5.45 -20.74 8.08
CA GLY A 146 5.83 -22.16 8.12
C GLY A 146 5.25 -22.99 6.97
N LYS A 147 4.25 -22.44 6.29
CA LYS A 147 3.71 -23.07 5.11
C LYS A 147 4.70 -22.94 3.93
N TRP A 148 5.32 -21.77 3.81
CA TRP A 148 6.13 -21.43 2.66
C TRP A 148 7.62 -21.66 2.90
N PHE A 149 8.03 -21.72 4.18
CA PHE A 149 9.44 -21.86 4.56
C PHE A 149 9.64 -22.77 5.76
N ASN A 150 10.87 -23.25 5.91
CA ASN A 150 11.29 -23.97 7.09
C ASN A 150 11.90 -22.98 8.08
N VAL A 151 11.14 -22.64 9.11
CA VAL A 151 11.52 -21.59 10.06
C VAL A 151 12.13 -22.17 11.34
N VAL A 152 13.39 -21.84 11.59
CA VAL A 152 14.08 -22.27 12.81
C VAL A 152 14.44 -21.01 13.59
N SER A 153 14.33 -21.07 14.90
CA SER A 153 14.56 -19.90 15.74
C SER A 153 15.70 -20.14 16.72
N TYR A 154 16.57 -19.15 16.85
CA TYR A 154 17.54 -19.11 17.94
C TYR A 154 17.02 -18.12 18.99
N GLY A 155 16.85 -18.59 20.22
CA GLY A 155 16.33 -17.76 21.29
C GLY A 155 17.43 -16.93 21.93
N LEU A 156 17.25 -15.62 21.94
CA LEU A 156 18.22 -14.69 22.55
C LEU A 156 17.96 -14.53 24.06
N ILE A 162 25.23 -11.82 24.12
CA ILE A 162 24.58 -12.97 23.50
C ILE A 162 25.60 -14.09 23.28
N ASP A 163 25.10 -15.31 23.03
CA ASP A 163 25.96 -16.48 22.83
C ASP A 163 26.17 -16.72 21.33
N TYR A 164 27.23 -16.12 20.78
CA TYR A 164 27.57 -16.27 19.36
C TYR A 164 27.97 -17.70 19.01
N ASP A 165 28.57 -18.40 19.99
CA ASP A 165 28.90 -19.81 19.85
C ASP A 165 27.65 -20.64 19.60
N ALA A 166 26.64 -20.45 20.44
CA ALA A 166 25.38 -21.21 20.33
C ALA A 166 24.61 -20.87 19.05
N ALA A 167 24.63 -19.59 18.65
CA ALA A 167 24.04 -19.17 17.37
C ALA A 167 24.75 -19.83 16.19
N GLU A 168 26.07 -19.82 16.20
CA GLU A 168 26.84 -20.42 15.11
C GLU A 168 26.62 -21.94 15.04
N LYS A 169 26.58 -22.61 16.20
CA LYS A 169 26.29 -24.03 16.28
C LYS A 169 24.93 -24.34 15.65
N LEU A 170 23.91 -23.56 16.01
CA LEU A 170 22.56 -23.75 15.46
C LEU A 170 22.53 -23.53 13.96
N ALA A 171 23.24 -22.50 13.50
CA ALA A 171 23.34 -22.21 12.07
C ALA A 171 24.01 -23.36 11.31
N ASN A 172 25.06 -23.93 11.87
CA ASN A 172 25.68 -25.08 11.23
C ASN A 172 24.78 -26.33 11.20
N GLU A 173 23.98 -26.52 12.23
CA GLU A 173 23.04 -27.66 12.28
C GLU A 173 21.92 -27.54 11.25
N HIS A 174 21.42 -26.33 11.04
CA HIS A 174 20.25 -26.15 10.20
C HIS A 174 20.52 -25.63 8.79
N LYS A 175 21.73 -25.13 8.54
CA LYS A 175 22.11 -24.68 7.21
C LYS A 175 21.06 -23.74 6.64
N PRO A 176 20.79 -22.63 7.33
CA PRO A 176 19.78 -21.71 6.81
C PRO A 176 20.26 -21.05 5.52
N LYS A 177 19.33 -20.75 4.61
CA LYS A 177 19.65 -19.93 3.43
C LYS A 177 19.71 -18.44 3.81
N LEU A 178 19.11 -18.09 4.94
CA LEU A 178 19.00 -16.70 5.36
C LEU A 178 18.84 -16.68 6.88
N ILE A 179 19.59 -15.79 7.50
CA ILE A 179 19.49 -15.50 8.92
C ILE A 179 18.90 -14.12 9.06
N VAL A 180 17.90 -13.98 9.92
CA VAL A 180 17.21 -12.70 10.12
C VAL A 180 17.24 -12.29 11.57
N ALA A 181 17.58 -11.02 11.78
CA ALA A 181 17.53 -10.40 13.09
C ALA A 181 16.62 -9.17 13.03
N GLY A 182 16.16 -8.70 14.18
CA GLY A 182 15.26 -7.58 14.28
C GLY A 182 15.48 -6.70 15.49
N ALA A 183 14.38 -6.21 16.05
CA ALA A 183 14.44 -5.20 17.10
C ALA A 183 15.31 -5.64 18.25
N SER A 184 15.20 -6.92 18.63
CA SER A 184 15.96 -7.46 19.75
C SER A 184 17.48 -7.39 19.51
N ALA A 185 17.92 -7.43 18.25
CA ALA A 185 19.36 -7.31 17.95
C ALA A 185 19.87 -5.93 18.36
N PHE A 186 19.03 -4.92 18.21
CA PHE A 186 19.42 -3.58 18.62
C PHE A 186 19.32 -3.44 20.12
N ALA A 187 18.22 -3.93 20.70
CA ALA A 187 18.02 -3.81 22.13
C ALA A 187 19.13 -4.52 22.89
N LEU A 188 19.59 -5.64 22.34
CA LEU A 188 20.63 -6.46 22.99
C LEU A 188 22.06 -6.16 22.49
N LYS A 189 22.23 -5.13 21.65
CA LYS A 189 23.56 -4.70 21.19
C LYS A 189 24.33 -5.81 20.48
N ILE A 190 23.68 -6.47 19.54
CA ILE A 190 24.32 -7.50 18.73
C ILE A 190 25.42 -6.87 17.86
N ASP A 191 26.53 -7.61 17.73
CA ASP A 191 27.65 -7.24 16.89
C ASP A 191 27.32 -7.70 15.47
N PHE A 192 26.85 -6.78 14.62
CA PHE A 192 26.41 -7.17 13.27
C PHE A 192 27.55 -7.69 12.39
N GLU A 193 28.74 -7.16 12.59
CA GLU A 193 29.91 -7.64 11.85
C GLU A 193 30.16 -9.12 12.18
N ARG A 194 30.02 -9.47 13.45
CA ARG A 194 30.25 -10.83 13.91
C ARG A 194 29.16 -11.74 13.37
N LEU A 195 27.92 -11.26 13.44
CA LEU A 195 26.79 -12.02 12.91
C LEU A 195 26.94 -12.26 11.42
N ALA A 196 27.44 -11.27 10.68
CA ALA A 196 27.65 -11.40 9.23
C ALA A 196 28.70 -12.48 8.93
N LYS A 197 29.70 -12.56 9.77
CA LYS A 197 30.74 -13.59 9.62
C LYS A 197 30.13 -14.99 9.82
N ILE A 198 29.28 -15.13 10.83
CA ILE A 198 28.58 -16.40 11.07
C ILE A 198 27.71 -16.77 9.86
N ALA A 199 26.94 -15.80 9.34
CA ALA A 199 26.09 -16.09 8.19
C ALA A 199 26.91 -16.55 7.00
N LYS A 200 27.98 -15.83 6.70
CA LYS A 200 28.82 -16.13 5.57
C LYS A 200 29.45 -17.52 5.73
N SER A 201 29.81 -17.89 6.95
CA SER A 201 30.47 -19.19 7.24
C SER A 201 29.59 -20.40 6.95
N VAL A 202 28.27 -20.19 6.96
CA VAL A 202 27.34 -21.26 6.66
C VAL A 202 26.62 -21.08 5.32
N GLY A 203 27.00 -20.05 4.57
CA GLY A 203 26.44 -19.78 3.25
C GLY A 203 25.06 -19.13 3.26
N ALA A 204 24.74 -18.45 4.35
CA ALA A 204 23.43 -17.76 4.51
C ALA A 204 23.55 -16.27 4.21
N TYR A 205 22.48 -15.72 3.64
CA TYR A 205 22.29 -14.27 3.64
C TYR A 205 22.04 -13.77 5.08
N LEU A 206 22.42 -12.52 5.34
CA LEU A 206 22.05 -11.86 6.59
C LEU A 206 21.08 -10.71 6.29
N MET A 207 19.92 -10.77 6.94
CA MET A 207 18.87 -9.76 6.87
C MET A 207 18.65 -9.19 8.26
N VAL A 208 18.52 -7.87 8.32
CA VAL A 208 18.21 -7.17 9.56
C VAL A 208 17.01 -6.27 9.36
N ASP A 209 15.98 -6.44 10.20
CA ASP A 209 14.83 -5.54 10.26
C ASP A 209 15.11 -4.46 11.30
N MET A 210 15.32 -3.23 10.84
CA MET A 210 15.70 -2.14 11.73
C MET A 210 14.54 -1.20 12.00
N ALA A 211 13.32 -1.64 11.71
CA ALA A 211 12.15 -0.75 11.76
C ALA A 211 11.96 -0.02 13.10
N HIS A 212 12.25 -0.69 14.19
CA HIS A 212 12.06 -0.14 15.52
C HIS A 212 13.12 0.90 15.92
N TYR A 213 14.16 1.04 15.11
CA TYR A 213 15.31 1.87 15.45
C TYR A 213 15.77 2.75 14.30
N ALA A 214 15.07 2.74 13.16
CA ALA A 214 15.61 3.29 11.92
C ALA A 214 15.95 4.77 12.04
N GLY A 215 15.09 5.56 12.68
CA GLY A 215 15.35 6.98 12.84
C GLY A 215 16.57 7.24 13.69
N LEU A 216 16.74 6.45 14.74
CA LEU A 216 17.89 6.62 15.61
CA LEU A 216 17.89 6.59 15.62
C LEU A 216 19.18 6.23 14.89
N ILE A 217 19.11 5.20 14.07
CA ILE A 217 20.25 4.77 13.29
C ILE A 217 20.64 5.85 12.31
N ALA A 218 19.66 6.43 11.64
CA ALA A 218 19.91 7.51 10.69
C ALA A 218 20.63 8.69 11.37
N ALA A 219 20.30 8.93 12.64
CA ALA A 219 20.88 9.99 13.43
C ALA A 219 22.21 9.62 14.14
N GLY A 220 22.69 8.39 13.93
CA GLY A 220 23.95 7.95 14.52
C GLY A 220 23.88 7.51 15.99
N VAL A 221 22.67 7.40 16.55
CA VAL A 221 22.50 7.01 17.96
C VAL A 221 22.76 5.50 18.16
N TYR A 222 22.29 4.69 17.19
CA TYR A 222 22.46 3.25 17.22
C TYR A 222 23.28 2.80 16.03
N PRO A 223 23.97 1.66 16.16
CA PRO A 223 24.85 1.14 15.12
C PRO A 223 24.07 0.82 13.86
N ASN A 224 24.67 1.10 12.71
CA ASN A 224 24.04 0.90 11.42
C ASN A 224 24.38 -0.50 10.92
N PRO A 225 23.35 -1.36 10.69
CA PRO A 225 23.62 -2.72 10.20
C PRO A 225 23.94 -2.78 8.71
N VAL A 226 23.68 -1.72 7.97
CA VAL A 226 23.76 -1.75 6.51
C VAL A 226 25.12 -2.18 5.95
N PRO A 227 26.23 -1.72 6.51
CA PRO A 227 27.52 -2.18 5.95
C PRO A 227 27.71 -3.69 6.04
N HIS A 228 27.05 -4.31 7.00
CA HIS A 228 27.31 -5.70 7.38
C HIS A 228 26.29 -6.72 6.88
N ALA A 229 25.10 -6.27 6.57
CA ALA A 229 24.01 -7.14 6.17
C ALA A 229 23.82 -7.12 4.67
N ASP A 230 23.33 -8.24 4.14
CA ASP A 230 22.97 -8.30 2.73
C ASP A 230 21.68 -7.51 2.47
N PHE A 231 20.73 -7.59 3.40
CA PHE A 231 19.43 -6.94 3.32
C PHE A 231 19.12 -6.26 4.62
N VAL A 232 18.63 -5.01 4.55
CA VAL A 232 18.12 -4.35 5.73
C VAL A 232 16.75 -3.80 5.38
N THR A 233 15.75 -4.17 6.18
CA THR A 233 14.39 -3.70 5.94
C THR A 233 13.99 -2.70 6.99
N THR A 234 13.01 -1.87 6.67
CA THR A 234 12.47 -0.96 7.66
C THR A 234 11.09 -0.51 7.25
N THR A 235 10.34 -0.05 8.24
CA THR A 235 9.17 0.79 8.01
C THR A 235 9.62 2.21 7.71
N THR A 236 8.77 2.96 7.02
CA THR A 236 9.03 4.38 6.80
C THR A 236 8.35 5.25 7.84
N HIS A 237 7.40 4.69 8.57
CA HIS A 237 6.80 5.34 9.72
C HIS A 237 7.58 4.93 10.98
N LYS A 238 7.05 5.22 12.16
CA LYS A 238 7.72 4.97 13.42
C LYS A 238 8.84 6.01 13.62
N SER A 239 10.03 5.63 14.09
CA SER A 239 11.04 6.65 14.43
C SER A 239 11.59 7.35 13.18
N LEU A 240 11.39 6.79 11.98
CA LEU A 240 11.70 7.54 10.73
C LEU A 240 10.70 8.63 10.44
N ARG A 241 9.53 8.55 11.05
CA ARG A 241 8.55 9.63 11.09
C ARG A 241 7.97 9.94 9.69
N GLY A 242 7.96 8.93 8.81
CA GLY A 242 7.42 9.09 7.48
C GLY A 242 6.01 8.55 7.33
N PRO A 243 5.56 8.40 6.08
CA PRO A 243 4.30 7.78 5.80
C PRO A 243 4.35 6.30 6.17
N ARG A 244 3.21 5.65 6.27
CA ARG A 244 3.19 4.21 6.47
CA ARG A 244 3.16 4.23 6.48
C ARG A 244 3.67 3.52 5.20
N GLY A 245 4.64 2.64 5.35
CA GLY A 245 5.23 1.98 4.21
C GLY A 245 6.47 1.24 4.63
N GLY A 246 7.13 0.65 3.64
CA GLY A 246 8.37 -0.09 3.87
C GLY A 246 9.42 0.20 2.83
N VAL A 247 10.64 -0.23 3.13
CA VAL A 247 11.80 -0.13 2.25
C VAL A 247 12.64 -1.38 2.43
N ILE A 248 13.20 -1.88 1.34
CA ILE A 248 14.28 -2.84 1.35
C ILE A 248 15.57 -2.18 0.91
N LEU A 249 16.58 -2.25 1.78
CA LEU A 249 17.96 -1.85 1.46
C LEU A 249 18.75 -3.11 1.16
N MET A 250 19.62 -3.06 0.17
CA MET A 250 20.36 -4.27 -0.19
C MET A 250 21.71 -3.95 -0.82
N LYS A 251 22.65 -4.87 -0.66
CA LYS A 251 23.90 -4.78 -1.37
C LYS A 251 23.62 -4.78 -2.87
N ALA A 252 24.49 -4.12 -3.65
CA ALA A 252 24.30 -3.97 -5.07
C ALA A 252 24.18 -5.29 -5.79
N GLU A 253 24.87 -6.31 -5.27
CA GLU A 253 24.82 -7.66 -5.84
C GLU A 253 23.39 -8.21 -5.86
N TYR A 254 22.54 -7.73 -4.94
CA TYR A 254 21.19 -8.24 -4.84
C TYR A 254 20.14 -7.29 -5.37
N GLU A 255 20.58 -6.20 -6.00
CA GLU A 255 19.68 -5.22 -6.57
C GLU A 255 18.77 -5.88 -7.62
N LYS A 256 19.37 -6.59 -8.57
CA LYS A 256 18.62 -7.23 -9.62
C LYS A 256 17.69 -8.34 -9.09
N PRO A 257 18.20 -9.26 -8.25
CA PRO A 257 17.26 -10.23 -7.69
C PRO A 257 16.08 -9.58 -6.95
N ILE A 258 16.32 -8.54 -6.18
CA ILE A 258 15.23 -7.87 -5.47
C ILE A 258 14.26 -7.21 -6.45
N ASN A 259 14.83 -6.44 -7.38
N ASN A 259 14.67 -6.39 -7.39
CA ASN A 259 14.05 -5.65 -8.36
CA ASN A 259 13.64 -5.65 -8.13
C ASN A 259 13.46 -6.48 -9.46
C ASN A 259 12.56 -6.46 -8.90
N SER A 260 13.99 -7.67 -9.71
N SER A 260 12.75 -7.78 -9.08
CA SER A 260 13.43 -8.56 -10.72
CA SER A 260 11.99 -8.53 -10.10
C SER A 260 12.18 -9.28 -10.18
C SER A 260 10.87 -9.49 -9.62
N ALA A 261 11.99 -9.22 -8.86
N ALA A 261 10.68 -9.65 -8.33
CA ALA A 261 10.86 -9.87 -8.16
CA ALA A 261 9.88 -10.75 -7.82
C ALA A 261 9.94 -8.82 -7.56
C ALA A 261 8.34 -10.48 -7.76
N ILE A 262 10.51 -7.70 -7.11
N ILE A 262 7.52 -11.44 -8.21
CA ILE A 262 9.75 -6.65 -6.49
CA ILE A 262 6.02 -11.32 -8.22
C ILE A 262 9.66 -5.47 -7.49
C ILE A 262 5.22 -11.42 -6.88
N PHE A 263 8.72 -5.56 -8.42
N PHE A 263 5.23 -12.58 -6.18
CA PHE A 263 8.53 -4.53 -9.45
CA PHE A 263 4.45 -12.83 -4.93
C PHE A 263 7.11 -4.59 -9.99
C PHE A 263 4.75 -12.46 -3.46
N PRO A 264 6.68 -3.56 -10.73
N PRO A 264 3.68 -12.09 -2.76
CA PRO A 264 5.25 -3.49 -11.09
CA PRO A 264 2.59 -11.75 -1.85
C PRO A 264 4.74 -4.62 -11.98
C PRO A 264 2.09 -10.58 -2.63
N GLY A 265 5.62 -5.24 -12.74
N GLY A 265 2.88 -10.26 -3.66
CA GLY A 265 5.23 -6.37 -13.57
CA GLY A 265 2.64 -9.10 -4.47
C GLY A 265 4.69 -7.54 -12.76
C GLY A 265 3.42 -7.88 -4.01
N ILE A 266 5.08 -7.64 -11.50
N ILE A 266 4.35 -8.03 -3.06
CA ILE A 266 4.57 -8.71 -10.62
CA ILE A 266 5.11 -6.85 -2.63
C ILE A 266 3.57 -8.21 -9.55
C ILE A 266 5.32 -5.99 -3.85
N GLN A 267 3.93 -7.12 -8.84
N GLN A 267 5.87 -6.61 -4.89
CA GLN A 267 3.09 -6.61 -7.77
CA GLN A 267 6.15 -5.89 -6.11
C GLN A 267 2.12 -5.53 -8.19
C GLN A 267 4.97 -5.94 -7.09
N GLY A 268 2.13 -5.12 -9.47
N GLY A 268 4.83 -4.91 -7.91
CA GLY A 268 1.24 -4.07 -9.95
CA GLY A 268 3.88 -4.93 -9.03
C GLY A 268 1.78 -2.69 -9.63
C GLY A 268 2.79 -3.86 -9.08
N GLY A 269 1.03 -1.65 -9.99
N GLY A 269 3.17 -2.58 -9.04
CA GLY A 269 1.50 -0.29 -9.83
CA GLY A 269 2.21 -1.49 -9.28
C GLY A 269 1.75 0.03 -8.36
C GLY A 269 2.08 -0.53 -8.11
N PRO A 270 2.96 0.50 -8.05
CA PRO A 270 3.20 1.05 -6.75
C PRO A 270 2.40 2.29 -6.49
N LEU A 271 2.38 2.69 -5.25
CA LEU A 271 1.65 3.87 -4.85
C LEU A 271 2.58 5.08 -4.99
N MET A 272 2.57 5.75 -6.14
CA MET A 272 3.58 6.77 -6.39
CA MET A 272 3.53 6.81 -6.44
C MET A 272 3.38 7.99 -5.49
N HIS A 273 2.15 8.26 -5.08
CA HIS A 273 1.85 9.26 -4.07
C HIS A 273 2.51 8.93 -2.74
N VAL A 274 2.44 7.67 -2.30
CA VAL A 274 3.11 7.28 -1.07
C VAL A 274 4.63 7.28 -1.25
N ILE A 275 5.14 6.90 -2.43
CA ILE A 275 6.57 6.97 -2.68
C ILE A 275 7.06 8.44 -2.61
N ALA A 276 6.27 9.37 -3.14
CA ALA A 276 6.61 10.80 -3.01
C ALA A 276 6.67 11.18 -1.52
N ALA A 277 5.71 10.71 -0.73
CA ALA A 277 5.68 10.97 0.69
C ALA A 277 6.89 10.38 1.39
N LYS A 278 7.33 9.18 0.96
CA LYS A 278 8.57 8.61 1.48
C LYS A 278 9.75 9.52 1.18
N ALA A 279 9.82 10.01 -0.06
CA ALA A 279 10.91 10.89 -0.45
C ALA A 279 10.97 12.14 0.44
N VAL A 280 9.81 12.73 0.70
CA VAL A 280 9.74 13.91 1.56
C VAL A 280 10.29 13.55 2.96
N ALA A 281 9.86 12.41 3.49
CA ALA A 281 10.30 12.01 4.82
C ALA A 281 11.80 11.76 4.84
N PHE A 282 12.35 11.22 3.75
CA PHE A 282 13.78 10.97 3.72
C PHE A 282 14.57 12.27 3.65
N LYS A 283 14.07 13.25 2.90
CA LYS A 283 14.71 14.58 2.91
CA LYS A 283 14.71 14.57 2.91
C LYS A 283 14.69 15.19 4.31
N GLU A 284 13.57 15.07 5.01
CA GLU A 284 13.52 15.55 6.38
C GLU A 284 14.57 14.83 7.24
N ALA A 285 14.69 13.53 7.07
CA ALA A 285 15.57 12.73 7.90
C ALA A 285 17.06 13.05 7.63
N LEU A 286 17.37 13.55 6.44
CA LEU A 286 18.74 13.95 6.07
C LEU A 286 19.16 15.27 6.72
N SER A 287 18.22 15.97 7.32
CA SER A 287 18.48 17.32 7.83
C SER A 287 19.13 17.31 9.21
N PRO A 288 19.86 18.39 9.57
CA PRO A 288 20.38 18.46 10.94
C PRO A 288 19.29 18.51 11.99
N GLU A 289 18.12 19.06 11.63
CA GLU A 289 17.01 19.12 12.56
C GLU A 289 16.56 17.70 12.98
N PHE A 290 16.61 16.75 12.05
CA PHE A 290 16.22 15.40 12.39
C PHE A 290 17.17 14.74 13.37
N LYS A 291 18.46 15.00 13.23
CA LYS A 291 19.43 14.49 14.18
C LYS A 291 19.19 15.08 15.57
N GLU A 292 18.93 16.40 15.63
CA GLU A 292 18.60 17.05 16.89
CA GLU A 292 18.59 17.07 16.90
C GLU A 292 17.32 16.47 17.50
N TYR A 293 16.33 16.19 16.67
CA TYR A 293 15.10 15.57 17.12
C TYR A 293 15.40 14.23 17.80
N GLN A 294 16.20 13.38 17.14
CA GLN A 294 16.49 12.06 17.75
C GLN A 294 17.27 12.17 19.04
N GLN A 295 18.17 13.15 19.13
CA GLN A 295 18.86 13.41 20.39
C GLN A 295 17.88 13.82 21.48
N LYS A 296 16.88 14.61 21.10
CA LYS A 296 15.87 15.06 22.04
CA LYS A 296 15.84 15.06 22.03
C LYS A 296 14.97 13.88 22.46
N VAL A 297 14.69 12.98 21.52
CA VAL A 297 13.93 11.74 21.82
C VAL A 297 14.64 10.92 22.91
N VAL A 298 15.93 10.71 22.73
CA VAL A 298 16.72 9.94 23.69
C VAL A 298 16.73 10.63 25.05
N GLU A 299 16.95 11.93 25.05
CA GLU A 299 16.99 12.66 26.31
C GLU A 299 15.62 12.64 27.02
N ASN A 300 14.55 12.82 26.26
CA ASN A 300 13.23 12.79 26.87
C ASN A 300 12.93 11.40 27.46
N ALA A 301 13.34 10.35 26.80
CA ALA A 301 13.13 9.01 27.36
C ALA A 301 13.95 8.83 28.64
N ARG A 302 15.19 9.31 28.66
CA ARG A 302 15.98 9.24 29.86
C ARG A 302 15.30 9.96 31.02
N VAL A 303 14.80 11.16 30.76
CA VAL A 303 14.14 11.94 31.81
C VAL A 303 12.85 11.25 32.29
N LEU A 304 12.10 10.72 31.36
CA LEU A 304 10.87 10.00 31.72
C LEU A 304 11.21 8.81 32.62
N ALA A 305 12.19 8.00 32.19
CA ALA A 305 12.60 6.85 32.99
C ALA A 305 13.06 7.27 34.39
N GLU A 306 13.91 8.30 34.46
CA GLU A 306 14.45 8.78 35.75
C GLU A 306 13.32 9.26 36.65
N THR A 307 12.30 9.89 36.08
CA THR A 307 11.17 10.39 36.86
C THR A 307 10.32 9.22 37.41
N LEU A 308 10.10 8.21 36.58
CA LEU A 308 9.38 7.03 37.03
C LEU A 308 10.10 6.33 38.17
N VAL A 309 11.43 6.29 38.07
CA VAL A 309 12.26 5.69 39.15
C VAL A 309 12.16 6.51 40.41
N LYS A 310 12.20 7.83 40.30
CA LYS A 310 12.02 8.70 41.50
C LYS A 310 10.65 8.47 42.16
N ARG A 311 9.65 8.15 41.33
CA ARG A 311 8.29 7.89 41.81
C ARG A 311 8.05 6.43 42.22
N GLY A 312 9.12 5.62 42.27
CA GLY A 312 9.05 4.28 42.84
C GLY A 312 8.85 3.11 41.87
N LEU A 313 9.00 3.37 40.58
CA LEU A 313 8.83 2.33 39.59
C LEU A 313 10.19 1.73 39.26
N ARG A 314 10.17 0.58 38.61
CA ARG A 314 11.38 -0.11 38.18
C ARG A 314 11.42 -0.15 36.67
N ILE A 315 12.58 0.20 36.12
CA ILE A 315 12.77 0.15 34.69
C ILE A 315 13.54 -1.14 34.39
N VAL A 316 12.92 -2.03 33.63
CA VAL A 316 13.56 -3.29 33.26
C VAL A 316 14.70 -2.98 32.30
N GLU A 321 19.95 5.10 27.07
CA GLU A 321 20.34 5.25 25.66
C GLU A 321 19.32 4.63 24.71
N SER A 322 18.07 5.01 24.83
CA SER A 322 17.00 4.37 24.08
C SER A 322 15.86 5.37 23.92
N HIS A 323 14.94 5.08 23.02
CA HIS A 323 13.69 5.84 22.91
C HIS A 323 12.55 5.16 23.64
N VAL A 324 12.78 3.95 24.14
CA VAL A 324 11.71 3.09 24.66
C VAL A 324 12.15 2.49 25.97
N MET A 325 11.18 2.20 26.84
CA MET A 325 11.45 1.56 28.10
C MET A 325 10.33 0.62 28.50
N LEU A 326 10.68 -0.37 29.32
CA LEU A 326 9.71 -1.28 29.88
C LEU A 326 9.66 -1.06 31.38
N VAL A 327 8.45 -0.79 31.88
CA VAL A 327 8.24 -0.45 33.25
C VAL A 327 7.64 -1.63 34.03
N ASP A 328 8.32 -2.05 35.09
CA ASP A 328 7.82 -3.05 36.02
C ASP A 328 6.91 -2.38 37.05
N LEU A 329 5.63 -2.76 37.01
CA LEU A 329 4.59 -2.08 37.80
C LEU A 329 4.30 -2.69 39.16
N ARG A 330 4.98 -3.77 39.52
CA ARG A 330 4.57 -4.55 40.68
C ARG A 330 4.63 -3.75 41.99
N ALA A 331 5.56 -2.80 42.09
CA ALA A 331 5.64 -1.96 43.31
C ALA A 331 4.36 -1.12 43.55
N LYS A 332 3.60 -0.86 42.48
CA LYS A 332 2.35 -0.09 42.57
C LYS A 332 1.13 -1.02 42.61
N HIS A 333 1.35 -2.32 42.64
CA HIS A 333 0.25 -3.30 42.81
C HIS A 333 -0.85 -3.14 41.77
N ILE A 334 -0.42 -2.96 40.53
CA ILE A 334 -1.31 -2.80 39.40
C ILE A 334 -0.80 -3.67 38.26
N THR A 335 -1.72 -4.30 37.52
CA THR A 335 -1.32 -5.09 36.37
C THR A 335 -1.08 -4.17 35.17
N GLY A 336 -0.38 -4.69 34.17
CA GLY A 336 -0.22 -3.93 32.91
C GLY A 336 -1.55 -3.61 32.26
N LYS A 337 -2.44 -4.59 32.23
CA LYS A 337 -3.73 -4.38 31.61
C LYS A 337 -4.52 -3.26 32.34
N ALA A 338 -4.49 -3.28 33.68
CA ALA A 338 -5.20 -2.26 34.45
C ALA A 338 -4.55 -0.89 34.34
N ALA A 339 -3.23 -0.86 34.27
CA ALA A 339 -2.48 0.39 34.07
C ALA A 339 -2.79 0.98 32.71
N GLU A 340 -2.79 0.16 31.68
CA GLU A 340 -3.10 0.63 30.33
C GLU A 340 -4.50 1.26 30.33
N ALA A 341 -5.46 0.57 30.92
CA ALA A 341 -6.83 1.08 30.95
C ALA A 341 -6.93 2.41 31.73
N ALA A 342 -6.30 2.47 32.91
CA ALA A 342 -6.37 3.65 33.75
C ALA A 342 -5.68 4.85 33.12
N LEU A 343 -4.48 4.64 32.58
CA LEU A 343 -3.79 5.69 31.84
C LEU A 343 -4.60 6.17 30.66
N GLY A 344 -5.22 5.23 29.94
CA GLY A 344 -6.08 5.56 28.82
C GLY A 344 -7.23 6.47 29.23
N ALA A 345 -7.86 6.17 30.37
CA ALA A 345 -8.96 6.98 30.88
C ALA A 345 -8.47 8.40 31.19
N ALA A 346 -7.20 8.52 31.57
CA ALA A 346 -6.55 9.82 31.82
C ALA A 346 -5.91 10.47 30.57
N HIS A 347 -6.17 9.90 29.38
CA HIS A 347 -5.69 10.41 28.10
CA HIS A 347 -5.69 10.41 28.09
C HIS A 347 -4.18 10.24 27.88
N ILE A 348 -3.60 9.21 28.47
CA ILE A 348 -2.21 8.85 28.25
C ILE A 348 -2.20 7.43 27.69
N THR A 349 -1.65 7.28 26.49
CA THR A 349 -1.70 6.03 25.74
C THR A 349 -0.40 5.26 25.88
N VAL A 350 -0.51 4.06 26.46
CA VAL A 350 0.61 3.14 26.57
C VAL A 350 0.18 1.73 26.15
N ASN A 351 1.13 0.79 26.08
CA ASN A 351 0.80 -0.64 25.89
C ASN A 351 1.20 -1.47 27.10
N LYS A 352 0.30 -2.33 27.56
CA LYS A 352 0.69 -3.36 28.52
C LYS A 352 1.79 -4.21 27.88
N ASN A 353 2.63 -4.80 28.70
CA ASN A 353 3.73 -5.62 28.22
C ASN A 353 4.24 -6.51 29.33
N ALA A 354 4.45 -7.78 29.01
CA ALA A 354 5.03 -8.72 29.95
C ALA A 354 6.43 -8.30 30.35
N ILE A 355 6.78 -8.54 31.61
CA ILE A 355 8.13 -8.37 32.09
C ILE A 355 8.83 -9.74 32.18
N PRO A 356 10.16 -9.75 32.32
CA PRO A 356 10.80 -11.06 32.54
C PRO A 356 10.31 -11.74 33.81
N ASN A 357 10.11 -13.04 33.77
CA ASN A 357 9.55 -13.81 34.89
C ASN A 357 8.19 -13.27 35.35
N ASP A 358 7.38 -12.78 34.41
CA ASP A 358 6.10 -12.18 34.77
C ASP A 358 5.20 -13.19 35.50
N PRO A 359 4.71 -12.84 36.70
CA PRO A 359 3.81 -13.73 37.42
C PRO A 359 2.37 -13.77 36.89
N GLU A 360 2.05 -12.84 35.99
CA GLU A 360 0.70 -12.71 35.45
C GLU A 360 0.57 -13.43 34.12
N LYS A 361 -0.67 -13.77 33.76
CA LYS A 361 -0.99 -14.33 32.45
C LYS A 361 -0.61 -13.33 31.35
N PRO A 362 -0.23 -13.83 30.17
CA PRO A 362 0.24 -12.98 29.08
C PRO A 362 -0.77 -11.93 28.56
N PHE A 363 -2.06 -12.13 28.85
CA PHE A 363 -3.09 -11.16 28.50
C PHE A 363 -3.34 -10.18 29.66
N VAL A 364 -2.63 -10.38 30.77
CA VAL A 364 -2.72 -9.48 31.94
C VAL A 364 -1.44 -8.62 32.08
N THR A 365 -0.33 -9.31 32.31
CA THR A 365 1.03 -8.74 32.40
C THR A 365 1.28 -7.88 33.65
N SER A 366 2.55 -7.64 33.95
CA SER A 366 2.98 -6.81 35.08
C SER A 366 3.70 -5.51 34.65
N GLY A 367 3.61 -5.17 33.37
CA GLY A 367 4.38 -4.05 32.85
C GLY A 367 3.64 -3.20 31.85
N ILE A 368 4.22 -2.05 31.56
CA ILE A 368 3.86 -1.22 30.41
C ILE A 368 5.12 -0.81 29.66
N ARG A 369 4.97 -0.72 28.36
CA ARG A 369 6.05 -0.30 27.46
CA ARG A 369 6.06 -0.30 27.48
C ARG A 369 5.71 1.09 26.97
N LEU A 370 6.68 2.00 27.10
N LEU A 370 6.66 1.99 27.01
CA LEU A 370 6.54 3.45 26.84
CA LEU A 370 6.37 3.34 26.57
C LEU A 370 7.67 3.93 25.96
C LEU A 370 7.62 4.01 26.05
N GLY A 371 7.42 4.97 25.16
CA GLY A 371 8.51 5.63 24.44
C GLY A 371 8.25 7.11 24.23
N SER A 372 9.33 7.82 23.88
CA SER A 372 9.27 9.25 23.68
C SER A 372 9.13 9.83 22.25
N PRO A 373 9.23 9.01 21.17
CA PRO A 373 9.19 9.68 19.84
C PRO A 373 8.03 10.63 19.59
N ALA A 374 6.80 10.21 19.87
CA ALA A 374 5.63 11.02 19.51
C ALA A 374 5.54 12.29 20.35
N MET A 375 5.75 12.20 21.66
CA MET A 375 5.64 13.39 22.50
C MET A 375 6.73 14.40 22.14
N THR A 376 7.87 13.90 21.69
CA THR A 376 8.97 14.75 21.28
C THR A 376 8.62 15.49 19.98
N THR A 377 8.01 14.79 19.05
CA THR A 377 7.61 15.40 17.77
C THR A 377 6.67 16.59 18.00
N ARG A 378 5.74 16.44 18.96
CA ARG A 378 4.79 17.54 19.23
C ARG A 378 5.37 18.62 20.13
N GLY A 379 6.64 18.52 20.48
CA GLY A 379 7.33 19.65 21.08
C GLY A 379 7.71 19.50 22.54
N PHE A 380 7.40 18.37 23.17
CA PHE A 380 7.78 18.18 24.56
C PHE A 380 9.30 18.12 24.68
N GLY A 381 9.83 18.75 25.71
CA GLY A 381 11.24 18.64 26.07
C GLY A 381 11.37 18.08 27.47
N PRO A 382 12.56 18.17 28.05
CA PRO A 382 12.80 17.51 29.32
C PRO A 382 11.84 17.91 30.42
N ALA A 383 11.44 19.17 30.49
CA ALA A 383 10.52 19.56 31.53
C ALA A 383 9.16 18.87 31.40
N GLU A 384 8.70 18.74 30.16
CA GLU A 384 7.43 18.10 29.88
C GLU A 384 7.55 16.58 30.10
N ALA A 385 8.70 15.99 29.74
CA ALA A 385 8.93 14.56 29.97
C ALA A 385 8.80 14.24 31.46
N GLU A 386 9.37 15.10 32.31
CA GLU A 386 9.28 14.92 33.74
C GLU A 386 7.83 15.07 34.21
N GLN A 387 7.11 16.07 33.70
CA GLN A 387 5.70 16.18 34.01
C GLN A 387 4.94 14.90 33.66
N VAL A 388 5.19 14.36 32.47
CA VAL A 388 4.50 13.14 32.05
C VAL A 388 4.80 11.98 33.01
N GLY A 389 6.07 11.83 33.39
CA GLY A 389 6.45 10.79 34.35
C GLY A 389 5.66 10.91 35.65
N ASN A 390 5.50 12.13 36.13
CA ASN A 390 4.74 12.35 37.33
C ASN A 390 3.23 12.10 37.17
N LEU A 391 2.68 12.45 36.00
CA LEU A 391 1.26 12.17 35.72
C LEU A 391 1.02 10.66 35.67
N ILE A 392 1.93 9.94 35.03
CA ILE A 392 1.81 8.49 34.97
C ILE A 392 1.78 7.91 36.37
N ALA A 393 2.73 8.31 37.20
CA ALA A 393 2.81 7.75 38.55
C ALA A 393 1.57 8.11 39.35
N ASP A 394 1.05 9.32 39.18
CA ASP A 394 -0.18 9.74 39.86
C ASP A 394 -1.34 8.77 39.56
N VAL A 395 -1.48 8.40 38.29
CA VAL A 395 -2.55 7.47 37.86
C VAL A 395 -2.29 6.09 38.46
N LEU A 396 -1.07 5.58 38.35
CA LEU A 396 -0.77 4.24 38.83
C LEU A 396 -1.01 4.08 40.32
N GLU A 397 -0.84 5.17 41.07
CA GLU A 397 -1.04 5.15 42.51
C GLU A 397 -2.51 5.20 42.93
N ASN A 398 -3.41 5.59 42.03
CA ASN A 398 -4.83 5.61 42.32
C ASN A 398 -5.66 5.46 41.05
N PRO A 399 -5.55 4.30 40.40
CA PRO A 399 -6.02 4.13 39.01
C PRO A 399 -7.52 4.23 38.75
N GLU A 400 -8.34 3.89 39.74
CA GLU A 400 -9.80 3.89 39.59
CA GLU A 400 -9.80 3.95 39.53
C GLU A 400 -10.44 5.04 40.37
N ASP A 401 -9.62 5.93 40.91
CA ASP A 401 -10.12 7.07 41.68
C ASP A 401 -10.52 8.20 40.75
N ALA A 402 -11.81 8.55 40.72
CA ALA A 402 -12.35 9.50 39.75
C ALA A 402 -11.67 10.88 39.81
N ALA A 403 -11.45 11.39 41.01
CA ALA A 403 -10.83 12.72 41.18
C ALA A 403 -9.40 12.77 40.64
N THR A 404 -8.62 11.73 40.92
CA THR A 404 -7.27 11.60 40.37
C THR A 404 -7.30 11.59 38.83
N ILE A 405 -8.18 10.78 38.27
CA ILE A 405 -8.28 10.71 36.82
C ILE A 405 -8.69 12.07 36.22
N GLU A 406 -9.63 12.78 36.85
CA GLU A 406 -10.04 14.12 36.39
C GLU A 406 -8.92 15.15 36.45
N ARG A 407 -8.17 15.15 37.54
CA ARG A 407 -7.10 16.12 37.70
C ARG A 407 -6.03 15.84 36.65
N VAL A 408 -5.67 14.58 36.47
CA VAL A 408 -4.64 14.22 35.47
C VAL A 408 -5.13 14.60 34.07
N ARG A 409 -6.40 14.28 33.75
CA ARG A 409 -6.97 14.65 32.44
C ARG A 409 -6.80 16.16 32.21
N ALA A 410 -7.04 16.97 33.25
CA ALA A 410 -6.94 18.42 33.10
C ALA A 410 -5.51 18.87 32.90
N GLN A 411 -4.56 18.22 33.59
CA GLN A 411 -3.15 18.52 33.39
C GLN A 411 -2.69 18.09 32.00
N VAL A 412 -3.14 16.93 31.55
CA VAL A 412 -2.88 16.49 30.17
C VAL A 412 -3.42 17.51 29.16
N ALA A 413 -4.64 18.00 29.38
CA ALA A 413 -5.22 18.98 28.50
C ALA A 413 -4.42 20.28 28.42
N GLU A 414 -3.84 20.72 29.54
CA GLU A 414 -2.95 21.86 29.48
C GLU A 414 -1.76 21.61 28.56
N LEU A 415 -1.15 20.42 28.67
CA LEU A 415 -0.02 20.07 27.83
C LEU A 415 -0.40 19.98 26.37
N THR A 416 -1.50 19.29 26.06
CA THR A 416 -1.88 19.09 24.66
C THR A 416 -2.33 20.40 24.01
N LYS A 417 -2.91 21.31 24.79
CA LYS A 417 -3.29 22.62 24.27
C LYS A 417 -2.04 23.46 23.97
N ARG A 418 -1.07 23.43 24.87
CA ARG A 418 0.16 24.20 24.64
C ARG A 418 1.01 23.62 23.51
N PHE A 419 0.97 22.31 23.35
CA PHE A 419 1.79 21.59 22.38
C PHE A 419 0.89 20.84 21.39
N PRO A 420 0.25 21.57 20.48
CA PRO A 420 -0.58 20.90 19.48
C PRO A 420 0.26 20.09 18.52
N VAL A 421 -0.32 19.02 18.00
CA VAL A 421 0.38 18.25 17.00
C VAL A 421 0.48 18.99 15.67
N TYR A 422 -0.68 19.47 15.21
CA TYR A 422 -0.77 20.18 13.95
C TYR A 422 -1.40 21.54 14.19
N ARG A 423 -0.79 22.57 13.64
CA ARG A 423 -1.33 23.91 13.72
C ARG A 423 -1.98 24.26 12.39
N PHE B 10 -5.57 20.49 -2.10
CA PHE B 10 -5.26 21.37 -3.27
C PHE B 10 -4.08 22.29 -3.00
N ASP B 11 -4.15 23.52 -3.49
CA ASP B 11 -3.00 24.41 -3.49
C ASP B 11 -2.47 24.68 -2.08
N ARG B 12 -3.35 25.00 -1.15
CA ARG B 12 -2.92 25.25 0.25
C ARG B 12 -2.27 24.01 0.87
N ALA B 13 -2.88 22.84 0.66
CA ALA B 13 -2.33 21.58 1.19
C ALA B 13 -0.99 21.21 0.55
N GLN B 14 -0.91 21.13 -0.76
CA GLN B 14 0.39 20.78 -1.38
C GLN B 14 1.42 21.90 -1.23
N SER B 15 0.97 23.12 -0.90
CA SER B 15 1.92 24.21 -0.61
C SER B 15 2.81 23.90 0.58
N THR B 16 2.37 22.99 1.45
CA THR B 16 3.20 22.60 2.58
C THR B 16 4.48 21.89 2.15
N ILE B 17 4.53 21.39 0.92
CA ILE B 17 5.73 20.72 0.39
C ILE B 17 6.70 21.70 -0.26
N ALA B 18 6.20 22.87 -0.67
CA ALA B 18 6.95 23.74 -1.59
C ALA B 18 8.33 24.11 -1.13
N ASN B 19 8.48 24.47 0.14
CA ASN B 19 9.78 24.91 0.64
C ASN B 19 10.58 23.81 1.36
N VAL B 20 9.87 22.84 1.93
CA VAL B 20 10.59 21.73 2.56
CA VAL B 20 10.44 21.65 2.58
C VAL B 20 11.17 20.76 1.57
N ASP B 21 10.55 20.58 0.40
CA ASP B 21 11.04 19.65 -0.59
C ASP B 21 10.69 20.18 -1.98
N PRO B 22 11.45 21.19 -2.43
CA PRO B 22 11.12 21.76 -3.76
C PRO B 22 11.14 20.75 -4.90
N GLU B 23 12.02 19.75 -4.79
CA GLU B 23 12.13 18.75 -5.86
C GLU B 23 10.84 17.92 -5.96
N ILE B 24 10.32 17.47 -4.83
CA ILE B 24 9.07 16.70 -4.87
C ILE B 24 7.89 17.61 -5.24
N PHE B 25 7.88 18.85 -4.74
CA PHE B 25 6.83 19.78 -5.11
C PHE B 25 6.81 19.98 -6.62
N ALA B 26 7.98 20.17 -7.22
CA ALA B 26 8.07 20.38 -8.65
C ALA B 26 7.59 19.13 -9.40
N ALA B 27 7.94 17.94 -8.91
CA ALA B 27 7.47 16.70 -9.52
C ALA B 27 5.95 16.58 -9.46
N ILE B 28 5.37 16.97 -8.33
CA ILE B 28 3.91 16.93 -8.21
C ILE B 28 3.27 17.94 -9.17
N GLU B 29 3.82 19.14 -9.24
CA GLU B 29 3.26 20.12 -10.15
C GLU B 29 3.35 19.62 -11.61
N GLN B 30 4.48 19.02 -11.96
CA GLN B 30 4.67 18.48 -13.30
C GLN B 30 3.63 17.38 -13.58
N GLU B 31 3.36 16.51 -12.61
CA GLU B 31 2.33 15.48 -12.79
C GLU B 31 0.93 16.07 -12.89
N ASN B 32 0.64 17.11 -12.09
CA ASN B 32 -0.65 17.78 -12.19
C ASN B 32 -0.83 18.33 -13.63
N ARG B 33 0.20 18.99 -14.14
CA ARG B 33 0.16 19.54 -15.50
C ARG B 33 -0.04 18.43 -16.51
N ARG B 34 0.67 17.31 -16.34
CA ARG B 34 0.54 16.18 -17.28
C ARG B 34 -0.91 15.68 -17.31
N GLN B 35 -1.50 15.48 -16.14
CA GLN B 35 -2.89 15.06 -16.08
C GLN B 35 -3.82 16.07 -16.75
N GLU B 36 -3.62 17.34 -16.48
CA GLU B 36 -4.46 18.36 -17.10
C GLU B 36 -4.31 18.44 -18.62
N ASP B 37 -3.08 18.39 -19.09
CA ASP B 37 -2.72 18.80 -20.44
CA ASP B 37 -2.87 18.82 -20.47
C ASP B 37 -2.76 17.68 -21.47
N HIS B 38 -3.07 16.47 -21.02
CA HIS B 38 -3.21 15.35 -21.93
C HIS B 38 -4.63 14.85 -21.93
N ILE B 39 -5.09 14.43 -23.10
CA ILE B 39 -6.29 13.61 -23.17
C ILE B 39 -5.88 12.15 -22.96
N GLU B 40 -6.27 11.62 -21.81
CA GLU B 40 -5.90 10.27 -21.38
C GLU B 40 -6.95 9.31 -21.86
N LEU B 41 -6.54 8.39 -22.74
CA LEU B 41 -7.42 7.39 -23.31
C LEU B 41 -6.98 5.98 -22.95
N ILE B 42 -6.00 5.84 -22.07
CA ILE B 42 -5.66 4.51 -21.62
C ILE B 42 -6.83 4.04 -20.78
N ALA B 43 -7.37 2.86 -21.09
CA ALA B 43 -8.69 2.48 -20.56
C ALA B 43 -8.73 2.21 -19.07
N SER B 44 -7.58 1.92 -18.52
CA SER B 44 -7.43 1.64 -17.11
C SER B 44 -7.18 2.88 -16.27
N GLU B 45 -7.01 4.03 -16.91
CA GLU B 45 -6.68 5.25 -16.20
C GLU B 45 -7.93 6.06 -15.85
N ASN B 46 -7.83 6.85 -14.79
CA ASN B 46 -8.96 7.67 -14.38
C ASN B 46 -8.44 8.75 -13.48
N TYR B 47 -9.35 9.57 -12.99
CA TYR B 47 -9.04 10.67 -12.10
C TYR B 47 -9.92 10.52 -10.89
N THR B 48 -9.36 10.21 -9.73
CA THR B 48 -10.17 9.99 -8.55
C THR B 48 -10.58 11.35 -7.93
N SER B 49 -11.54 11.31 -7.02
CA SER B 49 -12.14 12.55 -6.56
C SER B 49 -11.28 13.26 -5.52
N PRO B 50 -11.51 14.57 -5.37
CA PRO B 50 -10.85 15.29 -4.28
C PRO B 50 -11.11 14.67 -2.91
N ALA B 51 -12.33 14.17 -2.66
CA ALA B 51 -12.61 13.54 -1.38
C ALA B 51 -11.77 12.28 -1.12
N VAL B 52 -11.59 11.48 -2.15
CA VAL B 52 -10.74 10.29 -2.06
C VAL B 52 -9.32 10.70 -1.73
N MET B 53 -8.77 11.69 -2.43
CA MET B 53 -7.41 12.12 -2.19
C MET B 53 -7.27 12.68 -0.79
N ALA B 54 -8.25 13.47 -0.36
CA ALA B 54 -8.18 14.08 0.95
C ALA B 54 -8.19 13.04 2.07
N ALA B 55 -8.95 11.97 1.87
CA ALA B 55 -8.93 10.89 2.84
C ALA B 55 -7.54 10.26 2.97
N GLN B 56 -6.90 9.96 1.86
CA GLN B 56 -5.60 9.32 1.97
C GLN B 56 -4.47 10.33 2.29
N GLY B 57 -4.77 11.63 2.20
CA GLY B 57 -3.93 12.68 2.73
C GLY B 57 -4.16 13.09 4.18
N SER B 58 -4.96 12.30 4.90
CA SER B 58 -5.36 12.65 6.24
C SER B 58 -4.44 12.08 7.33
N GLN B 59 -4.71 12.48 8.57
CA GLN B 59 -3.96 12.04 9.73
C GLN B 59 -4.20 10.58 10.06
N LEU B 60 -5.08 9.90 9.33
CA LEU B 60 -5.25 8.44 9.55
C LEU B 60 -3.93 7.67 9.31
N THR B 61 -2.97 8.28 8.58
CA THR B 61 -1.66 7.66 8.40
C THR B 61 -0.94 7.44 9.72
N ASN B 62 -1.26 8.25 10.75
CA ASN B 62 -0.63 8.10 12.05
C ASN B 62 -1.27 7.06 12.94
N LYS B 63 -2.43 6.56 12.56
CA LYS B 63 -3.16 5.58 13.38
C LYS B 63 -2.61 4.15 13.14
N TYR B 64 -2.25 3.47 14.21
CA TYR B 64 -1.91 2.04 14.13
C TYR B 64 -3.03 1.23 14.75
N TYR B 79 -11.95 -7.07 16.61
CA TYR B 79 -11.97 -5.61 16.54
C TYR B 79 -11.61 -5.13 15.13
N VAL B 80 -12.46 -4.27 14.58
CA VAL B 80 -12.24 -3.69 13.28
C VAL B 80 -12.50 -2.20 13.38
N ASP B 81 -11.55 -1.41 12.89
CA ASP B 81 -11.70 0.05 12.85
C ASP B 81 -12.98 0.42 12.09
N VAL B 82 -13.72 1.41 12.60
CA VAL B 82 -14.93 1.88 11.93
CA VAL B 82 -14.92 1.92 11.93
C VAL B 82 -14.68 2.19 10.44
N VAL B 83 -13.52 2.75 10.14
CA VAL B 83 -13.19 3.09 8.78
C VAL B 83 -13.13 1.84 7.89
N GLU B 84 -12.48 0.82 8.38
CA GLU B 84 -12.37 -0.45 7.66
C GLU B 84 -13.70 -1.17 7.56
N GLN B 85 -14.49 -1.12 8.63
CA GLN B 85 -15.82 -1.72 8.58
C GLN B 85 -16.71 -1.04 7.54
N LEU B 86 -16.66 0.29 7.44
CA LEU B 86 -17.37 1.00 6.39
C LEU B 86 -16.92 0.58 5.00
N ALA B 87 -15.61 0.46 4.81
CA ALA B 87 -15.11 0.03 3.52
C ALA B 87 -15.63 -1.37 3.17
N ILE B 88 -15.53 -2.29 4.13
CA ILE B 88 -15.94 -3.66 3.89
C ILE B 88 -17.44 -3.73 3.61
N ASP B 89 -18.23 -3.08 4.45
CA ASP B 89 -19.67 -3.14 4.31
C ASP B 89 -20.12 -2.55 2.95
N ARG B 90 -19.53 -1.43 2.57
CA ARG B 90 -19.90 -0.80 1.33
C ARG B 90 -19.52 -1.61 0.12
N VAL B 91 -18.32 -2.20 0.11
CA VAL B 91 -17.94 -3.01 -1.06
C VAL B 91 -18.76 -4.30 -1.13
N LYS B 92 -19.12 -4.87 0.01
CA LYS B 92 -20.02 -6.03 -0.02
C LYS B 92 -21.36 -5.63 -0.63
N GLN B 93 -21.87 -4.45 -0.25
CA GLN B 93 -23.17 -3.96 -0.74
C GLN B 93 -23.10 -3.69 -2.26
N LEU B 94 -21.99 -3.14 -2.70
CA LEU B 94 -21.81 -2.77 -4.10
CA LEU B 94 -21.79 -2.78 -4.11
C LEU B 94 -21.88 -4.00 -5.01
N PHE B 95 -21.29 -5.11 -4.56
CA PHE B 95 -21.16 -6.31 -5.38
C PHE B 95 -21.95 -7.53 -4.91
N GLY B 96 -22.70 -7.43 -3.82
CA GLY B 96 -23.44 -8.56 -3.28
C GLY B 96 -22.53 -9.65 -2.74
N ALA B 97 -21.35 -9.26 -2.27
CA ALA B 97 -20.37 -10.24 -1.80
C ALA B 97 -20.64 -10.69 -0.36
N GLU B 98 -20.35 -11.95 -0.05
CA GLU B 98 -20.53 -12.46 1.30
C GLU B 98 -19.49 -11.95 2.30
N ALA B 99 -18.30 -11.63 1.80
CA ALA B 99 -17.20 -11.17 2.63
C ALA B 99 -16.23 -10.38 1.77
N ALA B 100 -15.40 -9.58 2.41
CA ALA B 100 -14.43 -8.76 1.71
C ALA B 100 -13.23 -8.47 2.57
N ASN B 101 -12.08 -8.37 1.92
CA ASN B 101 -10.85 -7.90 2.52
C ASN B 101 -10.39 -6.71 1.69
N VAL B 102 -10.21 -5.60 2.39
CA VAL B 102 -9.88 -4.32 1.72
C VAL B 102 -8.43 -3.88 1.93
N GLN B 103 -7.58 -4.80 2.34
CA GLN B 103 -6.15 -4.57 2.62
CA GLN B 103 -6.20 -4.47 2.64
C GLN B 103 -5.22 -4.45 1.44
N PRO B 104 -5.46 -5.23 0.36
CA PRO B 104 -4.44 -5.18 -0.71
C PRO B 104 -4.18 -3.80 -1.32
N ASN B 105 -2.93 -3.55 -1.72
CA ASN B 105 -2.55 -2.23 -2.26
C ASN B 105 -2.39 -2.13 -3.77
N SER B 106 -2.81 -3.17 -4.48
CA SER B 106 -2.91 -3.15 -5.93
CA SER B 106 -2.91 -3.15 -5.93
C SER B 106 -3.79 -4.31 -6.34
N GLY B 107 -4.16 -4.34 -7.61
CA GLY B 107 -4.92 -5.45 -8.17
C GLY B 107 -4.13 -6.75 -8.15
N SER B 108 -2.88 -6.64 -8.59
CA SER B 108 -2.00 -7.80 -8.63
C SER B 108 -1.78 -8.36 -7.22
N GLN B 109 -1.70 -7.48 -6.23
CA GLN B 109 -1.52 -7.88 -4.84
C GLN B 109 -2.80 -8.54 -4.22
N ALA B 110 -3.98 -8.09 -4.62
CA ALA B 110 -5.19 -8.80 -4.32
C ALA B 110 -5.14 -10.22 -4.88
N ASN B 111 -4.69 -10.33 -6.13
CA ASN B 111 -4.60 -11.63 -6.76
C ASN B 111 -3.63 -12.55 -6.00
N GLN B 112 -2.44 -12.05 -5.69
CA GLN B 112 -1.48 -12.81 -4.91
CA GLN B 112 -1.50 -12.86 -4.95
C GLN B 112 -2.03 -13.21 -3.54
N GLY B 113 -2.81 -12.32 -2.95
CA GLY B 113 -3.39 -12.59 -1.63
C GLY B 113 -4.30 -13.79 -1.65
N VAL B 114 -4.98 -14.02 -2.77
CA VAL B 114 -5.76 -15.26 -2.91
C VAL B 114 -4.83 -16.47 -3.11
N PHE B 115 -3.89 -16.35 -4.06
CA PHE B 115 -3.10 -17.51 -4.45
C PHE B 115 -2.38 -18.06 -3.24
N PHE B 116 -1.73 -17.19 -2.47
CA PHE B 116 -0.85 -17.60 -1.40
C PHE B 116 -1.59 -18.02 -0.13
N ALA B 117 -2.79 -17.48 0.08
CA ALA B 117 -3.65 -17.88 1.21
C ALA B 117 -4.30 -19.25 0.98
N MET B 118 -4.75 -19.49 -0.24
CA MET B 118 -5.59 -20.64 -0.54
C MET B 118 -4.85 -21.87 -1.07
N LEU B 119 -3.62 -21.68 -1.57
CA LEU B 119 -2.82 -22.72 -2.21
C LEU B 119 -1.55 -22.98 -1.46
N LYS B 120 -0.94 -24.10 -1.79
CA LYS B 120 0.34 -24.45 -1.18
C LYS B 120 1.41 -24.50 -2.27
N PRO B 121 2.68 -24.46 -1.88
CA PRO B 121 3.71 -24.50 -2.89
C PRO B 121 3.55 -25.66 -3.85
N GLY B 122 3.71 -25.34 -5.13
CA GLY B 122 3.67 -26.34 -6.17
C GLY B 122 2.28 -26.60 -6.73
N ASP B 123 1.25 -26.07 -6.08
CA ASP B 123 -0.12 -26.25 -6.58
C ASP B 123 -0.26 -25.70 -7.98
N THR B 124 -1.18 -26.27 -8.73
CA THR B 124 -1.43 -25.86 -10.09
C THR B 124 -2.53 -24.80 -10.18
N ILE B 125 -2.22 -23.71 -10.88
CA ILE B 125 -3.22 -22.70 -11.21
C ILE B 125 -3.46 -22.77 -12.72
N MET B 126 -4.72 -22.77 -13.13
CA MET B 126 -5.07 -22.70 -14.55
C MET B 126 -5.62 -21.31 -14.82
N GLY B 127 -4.93 -20.57 -15.69
CA GLY B 127 -5.39 -19.27 -16.13
C GLY B 127 -6.14 -19.40 -17.44
N MET B 128 -7.16 -18.57 -17.61
CA MET B 128 -7.85 -18.42 -18.86
C MET B 128 -7.63 -17.00 -19.30
N SER B 129 -6.96 -16.82 -20.44
CA SER B 129 -6.55 -15.51 -20.91
C SER B 129 -6.43 -15.48 -22.45
N LEU B 130 -6.42 -14.28 -23.02
CA LEU B 130 -6.31 -14.11 -24.48
C LEU B 130 -4.90 -14.43 -24.96
N SER B 145 3.77 -17.27 -11.51
CA SER B 145 5.00 -17.50 -10.74
C SER B 145 5.33 -18.99 -10.60
N GLY B 146 6.19 -19.50 -11.51
CA GLY B 146 6.62 -20.93 -11.57
C GLY B 146 7.52 -21.46 -10.43
N LYS B 147 8.17 -20.54 -9.74
CA LYS B 147 8.89 -20.89 -8.54
C LYS B 147 7.93 -21.33 -7.41
N TRP B 148 6.76 -20.73 -7.40
CA TRP B 148 5.79 -20.89 -6.33
C TRP B 148 4.65 -21.82 -6.70
N PHE B 149 4.22 -21.77 -7.95
CA PHE B 149 3.06 -22.52 -8.39
C PHE B 149 3.33 -23.08 -9.77
N ASN B 150 2.57 -24.10 -10.16
CA ASN B 150 2.62 -24.59 -11.51
C ASN B 150 1.48 -23.93 -12.29
N VAL B 151 1.79 -23.05 -13.22
CA VAL B 151 0.77 -22.31 -13.97
C VAL B 151 0.57 -22.94 -15.34
N VAL B 152 -0.69 -23.26 -15.63
CA VAL B 152 -1.09 -23.70 -16.96
C VAL B 152 -2.08 -22.70 -17.53
N SER B 153 -2.02 -22.52 -18.84
CA SER B 153 -2.81 -21.49 -19.50
C SER B 153 -3.74 -22.11 -20.53
N TYR B 154 -5.00 -21.70 -20.46
CA TYR B 154 -5.93 -21.95 -21.54
C TYR B 154 -6.03 -20.68 -22.37
N GLY B 155 -5.72 -20.81 -23.66
CA GLY B 155 -5.70 -19.66 -24.56
C GLY B 155 -7.06 -19.40 -25.18
N LEU B 156 -7.56 -18.18 -25.02
CA LEU B 156 -8.85 -17.80 -25.58
C LEU B 156 -8.66 -17.04 -26.89
N ASP B 161 -15.24 -17.86 -30.39
CA ASP B 161 -16.31 -18.39 -29.54
C ASP B 161 -15.75 -19.33 -28.48
N ILE B 162 -16.24 -19.21 -27.24
CA ILE B 162 -15.66 -19.92 -26.09
C ILE B 162 -15.85 -21.43 -26.18
N ASP B 163 -14.75 -22.17 -26.14
CA ASP B 163 -14.76 -23.63 -26.20
C ASP B 163 -14.72 -24.18 -24.77
N TYR B 164 -15.89 -24.23 -24.14
CA TYR B 164 -16.01 -24.71 -22.76
C TYR B 164 -15.54 -26.15 -22.63
N ASP B 165 -15.84 -26.99 -23.62
CA ASP B 165 -15.37 -28.37 -23.59
C ASP B 165 -13.85 -28.46 -23.57
N ALA B 166 -13.18 -27.63 -24.35
CA ALA B 166 -11.70 -27.62 -24.41
C ALA B 166 -11.10 -27.10 -23.11
N ALA B 167 -11.74 -26.10 -22.51
CA ALA B 167 -11.28 -25.60 -21.22
C ALA B 167 -11.45 -26.71 -20.16
N GLU B 168 -12.61 -27.38 -20.21
CA GLU B 168 -12.91 -28.47 -19.29
C GLU B 168 -11.90 -29.62 -19.45
N LYS B 169 -11.58 -29.96 -20.71
CA LYS B 169 -10.59 -30.98 -21.02
C LYS B 169 -9.24 -30.64 -20.43
N LEU B 170 -8.78 -29.40 -20.59
CA LEU B 170 -7.49 -28.99 -20.03
C LEU B 170 -7.52 -29.04 -18.51
N ALA B 171 -8.63 -28.62 -17.92
CA ALA B 171 -8.76 -28.66 -16.47
C ALA B 171 -8.71 -30.10 -15.94
N ASN B 172 -9.32 -31.04 -16.65
CA ASN B 172 -9.28 -32.45 -16.24
C ASN B 172 -7.87 -33.04 -16.34
N GLU B 173 -7.12 -32.62 -17.35
CA GLU B 173 -5.76 -33.12 -17.54
C GLU B 173 -4.83 -32.62 -16.46
N HIS B 174 -4.96 -31.35 -16.06
CA HIS B 174 -3.98 -30.72 -15.17
C HIS B 174 -4.41 -30.62 -13.71
N LYS B 175 -5.69 -30.84 -13.42
CA LYS B 175 -6.20 -30.86 -12.07
C LYS B 175 -5.80 -29.60 -11.30
N PRO B 176 -6.13 -28.41 -11.83
CA PRO B 176 -5.77 -27.21 -11.10
C PRO B 176 -6.50 -27.14 -9.77
N LYS B 177 -5.82 -26.60 -8.75
CA LYS B 177 -6.47 -26.27 -7.49
C LYS B 177 -7.28 -24.96 -7.60
N LEU B 178 -6.97 -24.14 -8.60
CA LEU B 178 -7.64 -22.85 -8.76
C LEU B 178 -7.64 -22.51 -10.24
N ILE B 179 -8.80 -22.05 -10.74
CA ILE B 179 -8.95 -21.52 -12.09
C ILE B 179 -9.19 -20.02 -11.96
N VAL B 180 -8.45 -19.25 -12.74
CA VAL B 180 -8.60 -17.79 -12.71
CA VAL B 180 -8.56 -17.77 -12.74
C VAL B 180 -8.99 -17.26 -14.10
N ALA B 181 -10.03 -16.43 -14.12
CA ALA B 181 -10.49 -15.72 -15.30
C ALA B 181 -10.28 -14.23 -15.05
N GLY B 182 -9.99 -13.46 -16.09
CA GLY B 182 -9.70 -12.04 -15.98
C GLY B 182 -10.44 -11.20 -16.99
N ALA B 183 -9.80 -10.13 -17.45
CA ALA B 183 -10.45 -9.15 -18.32
C ALA B 183 -11.05 -9.80 -19.58
N SER B 184 -10.29 -10.72 -20.18
CA SER B 184 -10.75 -11.40 -21.39
C SER B 184 -12.07 -12.16 -21.19
N ALA B 185 -12.35 -12.59 -19.96
CA ALA B 185 -13.60 -13.27 -19.66
C ALA B 185 -14.81 -12.36 -19.80
N PHE B 186 -14.63 -11.09 -19.45
CA PHE B 186 -15.72 -10.14 -19.60
C PHE B 186 -15.84 -9.70 -21.06
N ALA B 187 -14.69 -9.43 -21.69
CA ALA B 187 -14.64 -9.05 -23.09
C ALA B 187 -15.26 -10.14 -23.97
N LEU B 188 -15.03 -11.39 -23.62
CA LEU B 188 -15.56 -12.50 -24.43
C LEU B 188 -16.92 -13.05 -24.00
N LYS B 189 -17.54 -12.45 -22.98
CA LYS B 189 -18.88 -12.84 -22.52
C LYS B 189 -18.90 -14.25 -21.96
N ILE B 190 -17.90 -14.60 -21.15
CA ILE B 190 -17.87 -15.93 -20.53
C ILE B 190 -19.06 -16.09 -19.58
N ASP B 191 -19.63 -17.28 -19.59
CA ASP B 191 -20.72 -17.69 -18.71
C ASP B 191 -20.11 -18.15 -17.39
N PHE B 192 -20.13 -17.30 -16.37
CA PHE B 192 -19.51 -17.62 -15.09
C PHE B 192 -20.16 -18.77 -14.36
N GLU B 193 -21.45 -18.97 -14.54
CA GLU B 193 -22.15 -20.09 -13.91
C GLU B 193 -21.59 -21.38 -14.50
N ARG B 194 -21.43 -21.40 -15.82
CA ARG B 194 -20.88 -22.57 -16.51
C ARG B 194 -19.42 -22.81 -16.16
N LEU B 195 -18.63 -21.75 -16.05
CA LEU B 195 -17.25 -21.88 -15.61
C LEU B 195 -17.16 -22.40 -14.17
N ALA B 196 -18.07 -21.95 -13.30
CA ALA B 196 -18.12 -22.42 -11.91
C ALA B 196 -18.39 -23.92 -11.86
N LYS B 197 -19.26 -24.40 -12.74
CA LYS B 197 -19.53 -25.84 -12.82
C LYS B 197 -18.31 -26.62 -13.26
N ILE B 198 -17.58 -26.09 -14.24
CA ILE B 198 -16.34 -26.72 -14.70
C ILE B 198 -15.32 -26.78 -13.57
N ALA B 199 -15.15 -25.68 -12.84
CA ALA B 199 -14.26 -25.67 -11.68
C ALA B 199 -14.66 -26.71 -10.65
N LYS B 200 -15.94 -26.74 -10.30
CA LYS B 200 -16.42 -27.74 -9.34
C LYS B 200 -16.12 -29.15 -9.84
N SER B 201 -16.30 -29.40 -11.15
CA SER B 201 -16.16 -30.75 -11.71
C SER B 201 -14.72 -31.26 -11.67
N VAL B 202 -13.74 -30.36 -11.55
CA VAL B 202 -12.35 -30.79 -11.43
C VAL B 202 -11.75 -30.56 -10.05
N GLY B 203 -12.52 -30.01 -9.11
CA GLY B 203 -12.06 -29.79 -7.75
C GLY B 203 -11.33 -28.46 -7.52
N ALA B 204 -11.54 -27.50 -8.40
CA ALA B 204 -10.84 -26.22 -8.35
C ALA B 204 -11.70 -25.11 -7.78
N TYR B 205 -11.07 -24.18 -7.08
CA TYR B 205 -11.68 -22.89 -6.78
C TYR B 205 -11.82 -22.10 -8.09
N LEU B 206 -12.81 -21.22 -8.17
CA LEU B 206 -12.93 -20.26 -9.26
C LEU B 206 -12.68 -18.87 -8.72
N MET B 207 -11.72 -18.21 -9.35
CA MET B 207 -11.40 -16.83 -9.06
C MET B 207 -11.62 -16.02 -10.32
N VAL B 208 -12.23 -14.85 -10.17
CA VAL B 208 -12.42 -13.90 -11.28
C VAL B 208 -11.80 -12.57 -10.90
N ASP B 209 -10.91 -12.07 -11.76
CA ASP B 209 -10.33 -10.74 -11.62
C ASP B 209 -11.16 -9.78 -12.47
N MET B 210 -11.95 -8.93 -11.80
CA MET B 210 -12.85 -8.02 -12.51
C MET B 210 -12.33 -6.59 -12.54
N ALA B 211 -11.05 -6.38 -12.28
CA ALA B 211 -10.48 -5.04 -12.21
C ALA B 211 -10.77 -4.14 -13.39
N HIS B 212 -10.79 -4.69 -14.60
CA HIS B 212 -10.97 -3.93 -15.82
CA HIS B 212 -10.97 -3.88 -15.78
C HIS B 212 -12.44 -3.55 -16.08
N TYR B 213 -13.35 -4.11 -15.31
CA TYR B 213 -14.79 -3.92 -15.53
C TYR B 213 -15.59 -3.62 -14.26
N ALA B 214 -14.91 -3.50 -13.12
CA ALA B 214 -15.62 -3.43 -11.85
C ALA B 214 -16.63 -2.29 -11.76
N GLY B 215 -16.28 -1.13 -12.30
CA GLY B 215 -17.19 0.02 -12.24
C GLY B 215 -18.45 -0.23 -13.05
N LEU B 216 -18.28 -0.87 -14.22
CA LEU B 216 -19.42 -1.23 -15.07
CA LEU B 216 -19.41 -1.24 -15.06
C LEU B 216 -20.29 -2.28 -14.39
N ILE B 217 -19.65 -3.23 -13.71
CA ILE B 217 -20.38 -4.26 -12.98
C ILE B 217 -21.17 -3.62 -11.84
N ALA B 218 -20.53 -2.72 -11.11
CA ALA B 218 -21.21 -2.00 -10.03
C ALA B 218 -22.44 -1.24 -10.54
N ALA B 219 -22.36 -0.71 -11.75
CA ALA B 219 -23.46 0.05 -12.36
C ALA B 219 -24.49 -0.80 -13.11
N GLY B 220 -24.31 -2.11 -13.08
CA GLY B 220 -25.23 -3.05 -13.72
C GLY B 220 -25.10 -3.22 -15.23
N VAL B 221 -23.99 -2.76 -15.81
CA VAL B 221 -23.82 -2.81 -17.27
C VAL B 221 -23.26 -4.17 -17.74
N TYR B 222 -22.37 -4.74 -16.92
CA TYR B 222 -21.76 -6.03 -17.17
C TYR B 222 -22.16 -7.02 -16.10
N PRO B 223 -22.13 -8.33 -16.41
CA PRO B 223 -22.58 -9.31 -15.44
C PRO B 223 -21.66 -9.41 -14.25
N ASN B 224 -22.25 -9.68 -13.10
CA ASN B 224 -21.53 -9.73 -11.85
C ASN B 224 -21.10 -11.17 -11.59
N PRO B 225 -19.78 -11.42 -11.47
CA PRO B 225 -19.32 -12.79 -11.24
C PRO B 225 -19.47 -13.28 -9.81
N VAL B 226 -19.71 -12.36 -8.89
CA VAL B 226 -19.68 -12.67 -7.47
C VAL B 226 -20.56 -13.85 -7.03
N PRO B 227 -21.79 -13.97 -7.55
CA PRO B 227 -22.56 -15.13 -7.07
C PRO B 227 -21.94 -16.47 -7.45
N HIS B 228 -21.13 -16.47 -8.51
CA HIS B 228 -20.64 -17.71 -9.10
C HIS B 228 -19.22 -18.09 -8.77
N ALA B 229 -18.45 -17.18 -8.23
CA ALA B 229 -17.06 -17.40 -7.97
C ALA B 229 -16.76 -17.55 -6.48
N ASP B 230 -15.74 -18.33 -6.16
CA ASP B 230 -15.25 -18.39 -4.81
C ASP B 230 -14.61 -17.10 -4.38
N PHE B 231 -13.81 -16.51 -5.29
CA PHE B 231 -13.06 -15.28 -5.05
C PHE B 231 -13.27 -14.36 -6.23
N VAL B 232 -13.46 -13.07 -5.96
CA VAL B 232 -13.45 -12.06 -7.00
C VAL B 232 -12.51 -10.96 -6.54
N THR B 233 -11.49 -10.66 -7.33
CA THR B 233 -10.57 -9.60 -7.01
C THR B 233 -10.78 -8.38 -7.90
N THR B 234 -10.35 -7.22 -7.41
CA THR B 234 -10.43 -6.01 -8.22
C THR B 234 -9.44 -5.00 -7.74
N THR B 235 -9.09 -4.09 -8.63
CA THR B 235 -8.51 -2.82 -8.24
C THR B 235 -9.58 -1.89 -7.67
N THR B 236 -9.15 -0.94 -6.84
CA THR B 236 -10.07 0.14 -6.41
C THR B 236 -10.01 1.36 -7.34
N HIS B 237 -8.91 1.49 -8.07
CA HIS B 237 -8.76 2.47 -9.12
C HIS B 237 -9.23 1.79 -10.42
N LYS B 238 -8.96 2.44 -11.54
CA LYS B 238 -9.48 2.07 -12.84
C LYS B 238 -10.98 2.46 -12.95
N SER B 239 -11.83 1.61 -13.52
CA SER B 239 -13.23 2.01 -13.74
C SER B 239 -14.00 2.18 -12.44
N LEU B 240 -13.53 1.63 -11.30
CA LEU B 240 -14.14 1.97 -10.00
C LEU B 240 -13.79 3.39 -9.53
N ARG B 241 -12.77 4.00 -10.11
CA ARG B 241 -12.47 5.39 -9.95
C ARG B 241 -12.11 5.77 -8.51
N GLY B 242 -11.52 4.83 -7.78
CA GLY B 242 -11.09 5.03 -6.41
C GLY B 242 -9.61 5.29 -6.27
N PRO B 243 -9.11 5.24 -5.02
CA PRO B 243 -7.70 5.34 -4.77
C PRO B 243 -6.99 4.12 -5.35
N ARG B 244 -5.68 4.18 -5.48
CA ARG B 244 -4.93 3.03 -5.96
C ARG B 244 -4.93 1.96 -4.90
N GLY B 245 -5.35 0.75 -5.27
CA GLY B 245 -5.40 -0.32 -4.34
C GLY B 245 -6.16 -1.52 -4.87
N GLY B 246 -6.41 -2.47 -3.99
CA GLY B 246 -7.13 -3.69 -4.34
C GLY B 246 -8.11 -4.15 -3.27
N VAL B 247 -8.95 -5.11 -3.65
CA VAL B 247 -9.92 -5.74 -2.77
C VAL B 247 -10.03 -7.21 -3.17
N ILE B 248 -10.21 -8.06 -2.16
CA ILE B 248 -10.60 -9.46 -2.39
C ILE B 248 -12.02 -9.64 -1.88
N LEU B 249 -12.91 -10.07 -2.75
CA LEU B 249 -14.27 -10.47 -2.38
C LEU B 249 -14.26 -11.99 -2.32
N MET B 250 -14.96 -12.57 -1.36
CA MET B 250 -14.97 -14.01 -1.23
C MET B 250 -16.24 -14.53 -0.56
N LYS B 251 -16.54 -15.79 -0.85
CA LYS B 251 -17.59 -16.51 -0.14
CA LYS B 251 -17.58 -16.51 -0.13
C LYS B 251 -17.22 -16.55 1.36
N ALA B 252 -18.22 -16.54 2.23
CA ALA B 252 -17.99 -16.33 3.69
C ALA B 252 -16.97 -17.31 4.29
N GLU B 253 -16.99 -18.55 3.81
CA GLU B 253 -16.14 -19.60 4.35
C GLU B 253 -14.64 -19.39 4.12
N TYR B 254 -14.28 -18.50 3.18
CA TYR B 254 -12.89 -18.21 2.86
C TYR B 254 -12.34 -16.94 3.55
N GLU B 255 -13.17 -16.26 4.35
CA GLU B 255 -12.71 -15.01 4.95
C GLU B 255 -11.47 -15.21 5.85
N LYS B 256 -11.51 -16.23 6.71
CA LYS B 256 -10.41 -16.48 7.65
C LYS B 256 -9.07 -16.82 6.99
N PRO B 257 -9.03 -17.79 6.06
CA PRO B 257 -7.76 -18.09 5.40
C PRO B 257 -7.17 -16.92 4.58
N ILE B 258 -8.02 -16.16 3.89
CA ILE B 258 -7.55 -14.98 3.21
C ILE B 258 -6.96 -13.99 4.22
N ASN B 259 -7.68 -13.67 5.26
N ASN B 259 -7.69 -13.83 5.32
CA ASN B 259 -7.22 -12.61 6.15
CA ASN B 259 -7.35 -12.95 6.46
C ASN B 259 -5.95 -12.98 6.93
C ASN B 259 -6.64 -13.62 7.64
N SER B 260 -5.70 -14.28 7.12
N SER B 260 -6.54 -14.95 7.64
CA SER B 260 -4.64 -14.76 8.02
CA SER B 260 -5.74 -15.64 8.65
C SER B 260 -3.24 -14.94 7.39
C SER B 260 -4.36 -15.53 8.07
N ALA B 261 -3.19 -15.02 6.07
N ALA B 261 -4.33 -15.07 6.82
CA ALA B 261 -1.94 -15.34 5.37
CA ALA B 261 -3.11 -14.79 6.10
C ALA B 261 -0.84 -14.33 5.64
C ALA B 261 -3.03 -13.32 5.71
N ILE B 262 0.30 -14.83 6.10
N ILE B 262 -4.15 -12.69 5.33
CA ILE B 262 1.50 -14.03 6.28
CA ILE B 262 -4.17 -11.23 5.16
C ILE B 262 2.19 -13.70 4.95
C ILE B 262 -4.78 -10.56 6.38
N PHE B 263 2.35 -14.70 4.10
N PHE B 263 -3.92 -10.14 7.28
CA PHE B 263 3.12 -14.55 2.88
CA PHE B 263 -4.31 -9.38 8.45
C PHE B 263 2.18 -14.27 1.68
C PHE B 263 -3.07 -9.10 9.26
N PRO B 264 2.56 -13.34 0.79
N PRO B 264 -3.13 -8.16 10.22
CA PRO B 264 3.82 -12.55 0.72
CA PRO B 264 -2.05 -7.20 10.21
C PRO B 264 3.74 -11.08 1.19
C PRO B 264 -0.97 -7.97 10.99
N GLY B 265 3.04 -10.88 2.31
N GLY B 265 -1.38 -9.11 11.54
CA GLY B 265 3.01 -9.59 2.96
CA GLY B 265 -0.47 -10.01 12.23
C GLY B 265 1.91 -8.68 2.41
C GLY B 265 0.57 -10.59 11.29
N ILE B 266 0.85 -9.25 1.83
N ILE B 266 0.24 -10.69 10.01
CA ILE B 266 -0.36 -8.52 1.43
CA ILE B 266 1.17 -11.24 9.02
C ILE B 266 -1.11 -8.09 2.68
C ILE B 266 1.76 -10.20 8.08
N GLN B 267 -1.26 -9.02 3.61
N GLN B 267 0.88 -9.43 7.41
CA GLN B 267 -1.90 -8.80 4.88
CA GLN B 267 1.31 -8.38 6.48
C GLN B 267 -0.83 -8.32 5.87
C GLN B 267 1.52 -7.06 7.19
N GLY B 268 -1.26 -7.58 6.89
N GLY B 268 1.38 -7.08 8.51
CA GLY B 268 -0.41 -7.36 8.07
CA GLY B 268 1.55 -5.88 9.31
C GLY B 268 0.25 -6.01 8.27
C GLY B 268 0.56 -4.79 8.95
N GLY B 269 -0.49 -4.94 7.98
N GLY B 269 0.80 -3.61 9.50
CA GLY B 269 -0.05 -3.57 8.29
CA GLY B 269 -0.15 -2.54 9.47
C GLY B 269 -0.89 -2.56 7.51
C GLY B 269 -0.75 -2.15 8.13
N PRO B 270 -2.08 -2.24 8.01
CA PRO B 270 -2.93 -1.63 7.05
C PRO B 270 -2.72 -0.14 6.93
N LEU B 271 -3.05 0.36 5.77
CA LEU B 271 -3.01 1.79 5.52
C LEU B 271 -4.39 2.38 5.76
N MET B 272 -4.69 2.81 6.98
CA MET B 272 -6.08 3.18 7.31
CA MET B 272 -6.05 3.24 7.36
C MET B 272 -6.55 4.43 6.55
N HIS B 273 -5.63 5.31 6.21
CA HIS B 273 -5.93 6.46 5.37
C HIS B 273 -6.37 6.02 3.98
N VAL B 274 -5.68 5.03 3.42
CA VAL B 274 -6.06 4.51 2.12
C VAL B 274 -7.36 3.72 2.22
N ILE B 275 -7.56 2.98 3.30
CA ILE B 275 -8.84 2.30 3.51
C ILE B 275 -9.99 3.28 3.60
N ALA B 276 -9.78 4.42 4.27
CA ALA B 276 -10.82 5.46 4.30
C ALA B 276 -11.11 5.97 2.90
N ALA B 277 -10.06 6.15 2.09
CA ALA B 277 -10.22 6.58 0.71
C ALA B 277 -11.02 5.56 -0.09
N LYS B 278 -10.74 4.27 0.11
CA LYS B 278 -11.53 3.22 -0.50
C LYS B 278 -12.99 3.34 -0.10
N ALA B 279 -13.26 3.50 1.19
CA ALA B 279 -14.62 3.68 1.64
C ALA B 279 -15.33 4.84 0.93
N VAL B 280 -14.66 5.99 0.80
CA VAL B 280 -15.23 7.13 0.11
C VAL B 280 -15.60 6.74 -1.33
N ALA B 281 -14.67 6.07 -2.02
CA ALA B 281 -14.90 5.69 -3.40
C ALA B 281 -16.06 4.71 -3.51
N PHE B 282 -16.20 3.82 -2.53
CA PHE B 282 -17.31 2.86 -2.56
C PHE B 282 -18.65 3.58 -2.37
N LYS B 283 -18.70 4.56 -1.47
CA LYS B 283 -19.93 5.37 -1.31
C LYS B 283 -20.27 6.08 -2.62
N GLU B 284 -19.27 6.62 -3.30
CA GLU B 284 -19.48 7.24 -4.60
C GLU B 284 -20.08 6.22 -5.58
N ALA B 285 -19.51 5.01 -5.57
CA ALA B 285 -19.93 3.99 -6.53
C ALA B 285 -21.33 3.47 -6.29
N LEU B 286 -21.80 3.56 -5.05
CA LEU B 286 -23.17 3.18 -4.69
C LEU B 286 -24.22 4.17 -5.18
N SER B 287 -23.81 5.38 -5.56
CA SER B 287 -24.72 6.46 -5.88
C SER B 287 -25.33 6.36 -7.26
N PRO B 288 -26.52 6.96 -7.43
CA PRO B 288 -27.09 6.97 -8.78
C PRO B 288 -26.23 7.73 -9.79
N GLU B 289 -25.48 8.71 -9.30
CA GLU B 289 -24.62 9.51 -10.15
C GLU B 289 -23.53 8.64 -10.78
N PHE B 290 -23.04 7.65 -10.05
CA PHE B 290 -22.03 6.79 -10.58
C PHE B 290 -22.55 5.91 -11.72
N LYS B 291 -23.79 5.45 -11.57
CA LYS B 291 -24.41 4.70 -12.66
C LYS B 291 -24.55 5.57 -13.90
N GLU B 292 -24.98 6.82 -13.72
CA GLU B 292 -25.07 7.76 -14.84
CA GLU B 292 -25.07 7.77 -14.84
C GLU B 292 -23.70 7.98 -15.49
N TYR B 293 -22.66 8.12 -14.67
CA TYR B 293 -21.30 8.21 -15.17
C TYR B 293 -20.95 7.03 -16.07
N GLN B 294 -21.21 5.81 -15.60
CA GLN B 294 -20.86 4.62 -16.38
C GLN B 294 -21.65 4.56 -17.68
N GLN B 295 -22.90 5.02 -17.66
CA GLN B 295 -23.69 5.04 -18.88
C GLN B 295 -23.07 6.02 -19.88
N LYS B 296 -22.53 7.13 -19.36
CA LYS B 296 -21.88 8.14 -20.20
CA LYS B 296 -21.89 8.14 -20.21
C LYS B 296 -20.56 7.60 -20.75
N VAL B 297 -19.85 6.83 -19.93
CA VAL B 297 -18.61 6.17 -20.34
C VAL B 297 -18.89 5.26 -21.54
N VAL B 298 -19.93 4.42 -21.43
CA VAL B 298 -20.26 3.49 -22.49
C VAL B 298 -20.67 4.23 -23.77
N GLU B 299 -21.47 5.27 -23.63
CA GLU B 299 -21.89 6.05 -24.79
C GLU B 299 -20.70 6.76 -25.46
N ASN B 300 -19.79 7.31 -24.68
CA ASN B 300 -18.65 8.00 -25.24
C ASN B 300 -17.74 7.03 -25.97
N ALA B 301 -17.58 5.82 -25.42
CA ALA B 301 -16.79 4.80 -26.09
C ALA B 301 -17.46 4.42 -27.42
N ARG B 302 -18.79 4.27 -27.43
CA ARG B 302 -19.51 3.93 -28.67
C ARG B 302 -19.28 4.99 -29.74
N VAL B 303 -19.36 6.26 -29.35
CA VAL B 303 -19.15 7.36 -30.27
C VAL B 303 -17.72 7.36 -30.78
N LEU B 304 -16.76 7.16 -29.90
CA LEU B 304 -15.35 7.09 -30.28
C LEU B 304 -15.12 5.99 -31.32
N ALA B 305 -15.62 4.79 -31.03
CA ALA B 305 -15.48 3.66 -31.92
C ALA B 305 -16.12 3.94 -33.25
N GLU B 306 -17.35 4.43 -33.24
CA GLU B 306 -18.06 4.71 -34.50
CA GLU B 306 -18.08 4.75 -34.47
C GLU B 306 -17.32 5.75 -35.34
N THR B 307 -16.74 6.75 -34.67
CA THR B 307 -15.98 7.79 -35.35
C THR B 307 -14.72 7.21 -36.00
N LEU B 308 -14.03 6.33 -35.28
CA LEU B 308 -12.83 5.71 -35.81
C LEU B 308 -13.16 4.82 -37.01
N VAL B 309 -14.29 4.13 -36.95
CA VAL B 309 -14.72 3.30 -38.10
C VAL B 309 -15.05 4.20 -39.28
N LYS B 310 -15.72 5.33 -39.03
CA LYS B 310 -16.02 6.27 -40.13
C LYS B 310 -14.75 6.77 -40.80
N ARG B 311 -13.68 6.86 -40.01
CA ARG B 311 -12.39 7.29 -40.51
C ARG B 311 -11.51 6.15 -41.04
N GLY B 312 -12.09 4.97 -41.23
CA GLY B 312 -11.42 3.88 -41.95
C GLY B 312 -10.61 2.93 -41.09
N LEU B 313 -10.78 3.01 -39.76
CA LEU B 313 -10.15 2.06 -38.86
C LEU B 313 -11.05 0.86 -38.61
N ARG B 314 -10.45 -0.21 -38.08
CA ARG B 314 -11.17 -1.41 -37.72
C ARG B 314 -11.14 -1.59 -36.21
N ILE B 315 -12.30 -1.89 -35.64
CA ILE B 315 -12.40 -2.21 -34.21
C ILE B 315 -12.42 -3.73 -34.07
N VAL B 316 -11.42 -4.28 -33.40
CA VAL B 316 -11.31 -5.72 -33.23
C VAL B 316 -12.39 -6.21 -32.29
N SER B 317 -12.46 -5.51 -31.17
CA SER B 317 -13.30 -5.83 -30.04
C SER B 317 -13.57 -4.50 -29.34
N GLY B 318 -14.75 -4.41 -28.71
CA GLY B 318 -15.14 -3.22 -27.94
C GLY B 318 -15.98 -2.21 -28.71
N ARG B 319 -16.54 -2.61 -29.86
CA ARG B 319 -17.33 -1.69 -30.69
C ARG B 319 -18.68 -1.32 -30.04
N THR B 320 -19.26 -2.28 -29.31
CA THR B 320 -20.53 -2.05 -28.60
C THR B 320 -20.50 -2.44 -27.12
N GLU B 321 -21.25 -1.70 -26.30
CA GLU B 321 -21.45 -2.03 -24.87
C GLU B 321 -20.16 -2.23 -24.09
N SER B 322 -19.25 -1.28 -24.18
CA SER B 322 -17.94 -1.39 -23.56
C SER B 322 -17.35 -0.01 -23.28
N HIS B 323 -16.44 0.09 -22.32
CA HIS B 323 -15.68 1.32 -22.08
C HIS B 323 -14.35 1.34 -22.86
N VAL B 324 -14.01 0.20 -23.46
CA VAL B 324 -12.68 -0.04 -24.03
C VAL B 324 -12.83 -0.66 -25.40
N MET B 325 -11.87 -0.35 -26.28
CA MET B 325 -11.83 -0.93 -27.60
C MET B 325 -10.40 -1.17 -28.03
N LEU B 326 -10.23 -2.15 -28.91
CA LEU B 326 -8.95 -2.41 -29.55
C LEU B 326 -9.05 -2.04 -31.03
N VAL B 327 -8.15 -1.16 -31.50
CA VAL B 327 -8.19 -0.62 -32.85
C VAL B 327 -7.10 -1.31 -33.67
N ASP B 328 -7.48 -1.91 -34.78
CA ASP B 328 -6.55 -2.49 -35.74
C ASP B 328 -6.14 -1.36 -36.71
N LEU B 329 -4.85 -1.04 -36.72
CA LEU B 329 -4.30 0.10 -37.45
C LEU B 329 -3.81 -0.21 -38.85
N ARG B 330 -3.91 -1.46 -39.29
CA ARG B 330 -3.22 -1.87 -40.52
C ARG B 330 -3.63 -1.09 -41.79
N ALA B 331 -4.89 -0.64 -41.86
CA ALA B 331 -5.34 0.12 -43.04
C ALA B 331 -4.62 1.47 -43.17
N LYS B 332 -4.12 1.99 -42.05
CA LYS B 332 -3.39 3.25 -42.05
C LYS B 332 -1.87 3.05 -42.10
N HIS B 333 -1.45 1.80 -42.25
CA HIS B 333 -0.04 1.46 -42.42
C HIS B 333 0.84 2.13 -41.34
N ILE B 334 0.41 1.99 -40.09
CA ILE B 334 1.14 2.52 -38.96
C ILE B 334 1.17 1.45 -37.88
N THR B 335 2.31 1.30 -37.21
CA THR B 335 2.43 0.34 -36.12
C THR B 335 1.78 0.88 -34.86
N GLY B 336 1.50 0.00 -33.92
CA GLY B 336 0.96 0.46 -32.64
C GLY B 336 1.96 1.35 -31.92
N LYS B 337 3.24 0.97 -31.99
CA LYS B 337 4.31 1.75 -31.40
C LYS B 337 4.40 3.16 -31.99
N ALA B 338 4.36 3.26 -33.31
CA ALA B 338 4.43 4.55 -33.99
C ALA B 338 3.21 5.39 -33.68
N ALA B 339 2.05 4.74 -33.62
CA ALA B 339 0.80 5.43 -33.30
C ALA B 339 0.83 6.00 -31.89
N GLU B 340 1.23 5.18 -30.93
CA GLU B 340 1.36 5.63 -29.53
C GLU B 340 2.28 6.87 -29.45
N ALA B 341 3.40 6.82 -30.16
CA ALA B 341 4.37 7.90 -30.10
C ALA B 341 3.82 9.19 -30.71
N ALA B 342 3.22 9.07 -31.88
CA ALA B 342 2.69 10.23 -32.58
C ALA B 342 1.54 10.89 -31.82
N LEU B 343 0.62 10.07 -31.34
CA LEU B 343 -0.49 10.55 -30.54
C LEU B 343 0.03 11.22 -29.28
N GLY B 344 1.04 10.62 -28.65
CA GLY B 344 1.66 11.23 -27.48
C GLY B 344 2.23 12.63 -27.72
N ALA B 345 2.89 12.80 -28.86
CA ALA B 345 3.40 14.10 -29.27
C ALA B 345 2.28 15.13 -29.38
N ALA B 346 1.09 14.66 -29.76
CA ALA B 346 -0.10 15.49 -29.88
C ALA B 346 -0.92 15.57 -28.59
N HIS B 347 -0.37 15.01 -27.50
CA HIS B 347 -0.96 15.05 -26.15
CA HIS B 347 -0.97 15.06 -26.16
C HIS B 347 -2.23 14.22 -26.02
N ILE B 348 -2.26 13.12 -26.78
CA ILE B 348 -3.30 12.11 -26.64
C ILE B 348 -2.60 10.81 -26.23
N THR B 349 -2.97 10.29 -25.07
CA THR B 349 -2.30 9.15 -24.46
C THR B 349 -3.08 7.85 -24.72
N VAL B 350 -2.42 6.90 -25.37
CA VAL B 350 -2.98 5.58 -25.65
C VAL B 350 -1.91 4.52 -25.35
N ASN B 351 -2.29 3.24 -25.39
CA ASN B 351 -1.31 2.14 -25.36
C ASN B 351 -1.29 1.38 -26.66
N LYS B 352 -0.10 1.10 -27.18
CA LYS B 352 0.03 0.11 -28.24
C LYS B 352 -0.48 -1.22 -27.67
N ASN B 353 -0.99 -2.08 -28.56
CA ASN B 353 -1.57 -3.36 -28.14
C ASN B 353 -1.62 -4.28 -29.34
N ALA B 354 -1.16 -5.51 -29.17
CA ALA B 354 -1.23 -6.49 -30.23
C ALA B 354 -2.67 -6.75 -30.65
N ILE B 355 -2.87 -7.02 -31.93
CA ILE B 355 -4.17 -7.48 -32.43
C ILE B 355 -4.11 -9.01 -32.54
N PRO B 356 -5.26 -9.69 -32.72
CA PRO B 356 -5.21 -11.12 -33.01
C PRO B 356 -4.37 -11.36 -34.26
N ASN B 357 -3.53 -12.38 -34.23
CA ASN B 357 -2.69 -12.72 -35.38
C ASN B 357 -1.80 -11.55 -35.83
N ASP B 358 -1.18 -10.86 -34.87
CA ASP B 358 -0.39 -9.68 -35.16
C ASP B 358 0.93 -10.05 -35.87
N PRO B 359 1.21 -9.44 -37.05
CA PRO B 359 2.45 -9.75 -37.75
C PRO B 359 3.68 -9.01 -37.21
N GLU B 360 3.50 -8.04 -36.32
CA GLU B 360 4.60 -7.21 -35.82
C GLU B 360 5.19 -7.79 -34.54
N LYS B 361 6.41 -7.37 -34.22
CA LYS B 361 7.08 -7.78 -32.97
C LYS B 361 6.27 -7.26 -31.77
N PRO B 362 6.37 -7.95 -30.61
CA PRO B 362 5.52 -7.60 -29.47
C PRO B 362 5.69 -6.18 -28.92
N PHE B 363 6.87 -5.60 -29.07
CA PHE B 363 7.15 -4.22 -28.65
C PHE B 363 6.71 -3.22 -29.72
N VAL B 364 6.23 -3.73 -30.85
CA VAL B 364 5.81 -2.91 -31.98
C VAL B 364 4.28 -2.92 -32.12
N THR B 365 3.71 -4.08 -32.43
CA THR B 365 2.26 -4.30 -32.57
C THR B 365 1.60 -3.56 -33.75
N SER B 366 0.37 -3.97 -34.04
CA SER B 366 -0.44 -3.38 -35.11
C SER B 366 -1.69 -2.68 -34.60
N GLY B 367 -1.77 -2.48 -33.28
CA GLY B 367 -3.00 -1.89 -32.71
C GLY B 367 -2.76 -0.91 -31.59
N ILE B 368 -3.84 -0.22 -31.21
CA ILE B 368 -3.87 0.58 -29.99
C ILE B 368 -5.14 0.23 -29.20
N ARG B 369 -5.00 0.22 -27.88
CA ARG B 369 -6.15 0.04 -26.99
C ARG B 369 -6.47 1.39 -26.38
N LEU B 370 -7.74 1.72 -26.33
N LEU B 370 -7.77 1.73 -26.42
CA LEU B 370 -8.11 2.98 -25.74
CA LEU B 370 -8.32 3.04 -26.03
C LEU B 370 -9.52 2.89 -25.20
C LEU B 370 -9.53 2.82 -25.14
N GLY B 371 -9.82 3.79 -24.28
CA GLY B 371 -11.07 3.77 -23.56
C GLY B 371 -11.53 5.15 -23.14
N SER B 372 -12.80 5.22 -22.76
CA SER B 372 -13.42 6.46 -22.37
C SER B 372 -13.52 6.86 -20.89
N PRO B 373 -13.11 6.02 -19.91
CA PRO B 373 -13.38 6.46 -18.52
C PRO B 373 -12.80 7.79 -18.10
N ALA B 374 -11.54 8.04 -18.39
CA ALA B 374 -10.91 9.26 -17.93
C ALA B 374 -11.49 10.51 -18.60
N MET B 375 -11.67 10.47 -19.91
CA MET B 375 -12.17 11.65 -20.61
C MET B 375 -13.60 11.94 -20.14
N THR B 376 -14.35 10.91 -19.78
CA THR B 376 -15.72 11.07 -19.34
C THR B 376 -15.72 11.73 -17.96
N THR B 377 -14.81 11.30 -17.09
CA THR B 377 -14.71 11.88 -15.74
C THR B 377 -14.47 13.39 -15.80
N ARG B 378 -13.60 13.83 -16.71
CA ARG B 378 -13.30 15.27 -16.80
C ARG B 378 -14.34 16.05 -17.62
N GLY B 379 -15.43 15.41 -18.05
CA GLY B 379 -16.59 16.13 -18.57
C GLY B 379 -16.85 16.01 -20.06
N PHE B 380 -16.05 15.24 -20.78
CA PHE B 380 -16.30 15.08 -22.21
C PHE B 380 -17.62 14.32 -22.40
N GLY B 381 -18.37 14.75 -23.42
CA GLY B 381 -19.60 14.09 -23.84
C GLY B 381 -19.49 13.64 -25.28
N PRO B 382 -20.61 13.23 -25.86
CA PRO B 382 -20.58 12.69 -27.22
C PRO B 382 -19.91 13.61 -28.25
N ALA B 383 -20.13 14.92 -28.17
CA ALA B 383 -19.51 15.83 -29.15
C ALA B 383 -18.00 15.76 -29.05
N GLU B 384 -17.49 15.75 -27.83
CA GLU B 384 -16.06 15.70 -27.60
C GLU B 384 -15.47 14.34 -27.94
N ALA B 385 -16.24 13.27 -27.70
CA ALA B 385 -15.80 11.92 -28.07
C ALA B 385 -15.61 11.83 -29.58
N GLU B 386 -16.52 12.40 -30.34
CA GLU B 386 -16.39 12.46 -31.79
C GLU B 386 -15.17 13.28 -32.23
N GLN B 387 -15.00 14.44 -31.61
CA GLN B 387 -13.83 15.25 -31.91
C GLN B 387 -12.55 14.46 -31.66
N VAL B 388 -12.49 13.79 -30.51
CA VAL B 388 -11.31 12.99 -30.19
C VAL B 388 -11.06 11.88 -31.23
N GLY B 389 -12.11 11.20 -31.66
CA GLY B 389 -11.98 10.19 -32.68
C GLY B 389 -11.35 10.77 -33.95
N ASN B 390 -11.82 11.95 -34.35
CA ASN B 390 -11.27 12.57 -35.55
C ASN B 390 -9.83 13.03 -35.37
N LEU B 391 -9.50 13.58 -34.21
CA LEU B 391 -8.12 13.99 -33.91
C LEU B 391 -7.17 12.80 -33.96
N ILE B 392 -7.61 11.67 -33.39
CA ILE B 392 -6.80 10.46 -33.42
C ILE B 392 -6.55 10.09 -34.87
N ALA B 393 -7.61 10.02 -35.67
CA ALA B 393 -7.47 9.62 -37.08
C ALA B 393 -6.55 10.59 -37.83
N ASP B 394 -6.66 11.89 -37.56
CA ASP B 394 -5.81 12.89 -38.20
C ASP B 394 -4.32 12.55 -37.96
N VAL B 395 -3.98 12.21 -36.72
CA VAL B 395 -2.62 11.85 -36.40
C VAL B 395 -2.22 10.55 -37.10
N LEU B 396 -3.09 9.54 -37.06
CA LEU B 396 -2.75 8.23 -37.63
C LEU B 396 -2.49 8.32 -39.12
N GLU B 397 -3.15 9.26 -39.77
CA GLU B 397 -3.02 9.46 -41.22
C GLU B 397 -1.78 10.25 -41.61
N ASN B 398 -1.18 10.98 -40.68
CA ASN B 398 0.01 11.78 -40.98
C ASN B 398 0.93 11.87 -39.78
N PRO B 399 1.42 10.71 -39.30
CA PRO B 399 2.09 10.66 -38.00
C PRO B 399 3.44 11.35 -37.98
N GLU B 400 4.04 11.48 -39.17
CA GLU B 400 5.36 12.08 -39.30
C GLU B 400 5.28 13.52 -39.82
N ASP B 401 4.06 14.06 -39.92
CA ASP B 401 3.84 15.43 -40.43
C ASP B 401 3.76 16.41 -39.28
N ALA B 402 4.79 17.25 -39.13
CA ALA B 402 4.87 18.19 -38.01
C ALA B 402 3.65 19.11 -37.88
N ALA B 403 3.17 19.62 -39.03
CA ALA B 403 2.03 20.52 -39.06
C ALA B 403 0.77 19.85 -38.51
N THR B 404 0.58 18.58 -38.84
CA THR B 404 -0.57 17.83 -38.33
C THR B 404 -0.47 17.69 -36.82
N ILE B 405 0.70 17.32 -36.32
CA ILE B 405 0.88 17.11 -34.89
C ILE B 405 0.61 18.41 -34.13
N GLU B 406 1.16 19.52 -34.65
CA GLU B 406 0.98 20.84 -34.03
C GLU B 406 -0.49 21.24 -34.02
N ARG B 407 -1.15 21.06 -35.16
CA ARG B 407 -2.58 21.38 -35.29
C ARG B 407 -3.42 20.60 -34.26
N VAL B 408 -3.20 19.29 -34.21
CA VAL B 408 -3.94 18.46 -33.27
C VAL B 408 -3.62 18.87 -31.83
N ARG B 409 -2.34 19.07 -31.53
CA ARG B 409 -1.95 19.52 -30.19
C ARG B 409 -2.70 20.77 -29.77
N ALA B 410 -2.88 21.72 -30.68
CA ALA B 410 -3.58 22.95 -30.33
C ALA B 410 -5.06 22.69 -30.09
N GLN B 411 -5.67 21.80 -30.86
CA GLN B 411 -7.06 21.43 -30.65
C GLN B 411 -7.24 20.71 -29.31
N VAL B 412 -6.28 19.86 -28.98
CA VAL B 412 -6.27 19.16 -27.71
C VAL B 412 -6.21 20.15 -26.55
N ALA B 413 -5.37 21.18 -26.69
CA ALA B 413 -5.24 22.20 -25.66
C ALA B 413 -6.56 22.96 -25.45
N GLU B 414 -7.33 23.20 -26.52
CA GLU B 414 -8.62 23.86 -26.34
C GLU B 414 -9.55 22.98 -25.53
N LEU B 415 -9.55 21.69 -25.82
CA LEU B 415 -10.37 20.75 -25.04
C LEU B 415 -9.93 20.66 -23.58
N THR B 416 -8.64 20.53 -23.32
CA THR B 416 -8.21 20.34 -21.95
C THR B 416 -8.43 21.59 -21.10
N LYS B 417 -8.29 22.77 -21.71
CA LYS B 417 -8.54 24.01 -21.00
C LYS B 417 -10.04 24.16 -20.68
N ARG B 418 -10.90 23.80 -21.62
CA ARG B 418 -12.35 23.87 -21.38
C ARG B 418 -12.79 22.88 -20.31
N PHE B 419 -12.17 21.70 -20.28
CA PHE B 419 -12.57 20.60 -19.43
C PHE B 419 -11.43 20.25 -18.48
N PRO B 420 -11.18 21.12 -17.48
CA PRO B 420 -10.14 20.81 -16.51
C PRO B 420 -10.49 19.57 -15.69
N VAL B 421 -9.48 18.83 -15.28
CA VAL B 421 -9.70 17.68 -14.39
C VAL B 421 -10.09 18.14 -12.98
N TYR B 422 -9.30 19.03 -12.41
CA TYR B 422 -9.52 19.52 -11.05
C TYR B 422 -9.56 21.03 -11.03
N ARG B 423 -10.49 21.59 -10.30
CA ARG B 423 -10.63 23.03 -10.16
C ARG B 423 -10.15 23.48 -8.79
#